data_5D1O
#
_entry.id   5D1O
#
_cell.length_a   50.250
_cell.length_b   114.870
_cell.length_c   91.290
_cell.angle_alpha   90.00
_cell.angle_beta   104.42
_cell.angle_gamma   90.00
#
_symmetry.space_group_name_H-M   'P 1 21 1'
#
loop_
_entity.id
_entity.type
_entity.pdbx_description
1 polymer 'ATP-dependent RNA ligase'
2 polymer 'ATP-dependent RNA ligase'
3 non-polymer "ADENOSINE-5'-TRIPHOSPHATE"
4 non-polymer 'SULFATE ION'
5 non-polymer 'MAGNESIUM ION'
6 water water
#
loop_
_entity_poly.entity_id
_entity_poly.type
_entity_poly.pdbx_seq_one_letter_code
_entity_poly.pdbx_strand_id
1 'polypeptide(L)'
;MNSDIPFDLIQERTGVPSSRLKVAFARGSLRLLESAGMQALLFKKPLGDLEAGTVIYLGDETEVIRGFPKIRRTLLLSPT
IQEHFRDRVAVEEKMNGYNVRIACLSSGETVALTRGGHVCPFTTRKAQELLDLSEFFREHPDLVICGEMIGRDNPYVSQD
YPEVGPLGFRVFDLREKNTNRPLPVEERRALLDSYGLPNVRLFGVYPIEEAASEVADIIRALGMAGREGVVMKDPSMEVP
PLKYTSSQAHARELAYAFSYPFDFGRPFFFSRVIREGFQAYELDESDDETRERARRLGEAIIYPMLERIKSISAGEAAYE
DTVIDVEDREAAEEFIRHLVRLGVSATLADYRDGRATIRRFYQSTTDRINNYLKGGLY
;
A
2 'polypeptide(L)'
;MNSDIPFDLIQERTGVPSSRLKVAFARGSLRLLESAGMQALLFKKPLGDLEAGTVIYLGDETEVIRGFPKIRRTLLLSPT
IQEHFRDRVAVEE(APK)MNGYNVRIACLSSGETVALTRGGHVCPFTTRKAQELLDLSEFFREHPDLVICGEMIGRDNPY
VSQDYPEVGPLGFRVFDLREKNTNRPLPVEERRALLDSYGLPNVRLFGVYPIEEAASEVADIIRALGMAGREGVVMKDPS
MEVPPLKYTSSQAHARELAYAFSYPFDFGRPFFFSRVIREGFQAYELDESDDETRERARRLGEAIIYPMLERIKSISAGE
AAYEDTVIDVEDREAAEEFIRHLVRLGVSATLADYRDGRATIRRFYQSTTDRINNYLKGGLY
;
B
#
loop_
_chem_comp.id
_chem_comp.type
_chem_comp.name
_chem_comp.formula
ATP non-polymer ADENOSINE-5'-TRIPHOSPHATE 'C10 H16 N5 O13 P3'
MG non-polymer 'MAGNESIUM ION' 'Mg 2'
SO4 non-polymer 'SULFATE ION' 'O4 S -2'
#
# COMPACT_ATOMS: atom_id res chain seq x y z
N ASP A 4 -40.50 -11.97 14.95
CA ASP A 4 -39.26 -11.41 15.48
C ASP A 4 -38.22 -12.49 15.76
N ILE A 5 -36.95 -12.08 15.86
CA ILE A 5 -35.82 -12.99 15.90
C ILE A 5 -35.75 -13.87 17.16
N PRO A 6 -35.66 -15.19 16.96
CA PRO A 6 -35.61 -16.16 18.07
C PRO A 6 -34.23 -16.26 18.69
N PHE A 7 -33.84 -15.23 19.44
CA PHE A 7 -32.47 -15.14 19.93
C PHE A 7 -32.03 -16.28 20.83
N ASP A 8 -32.95 -16.86 21.59
CA ASP A 8 -32.54 -17.92 22.52
C ASP A 8 -32.35 -19.23 21.78
N LEU A 9 -33.18 -19.45 20.77
CA LEU A 9 -33.07 -20.64 19.94
C LEU A 9 -31.71 -20.65 19.26
N ILE A 10 -31.35 -19.52 18.67
CA ILE A 10 -30.06 -19.34 18.00
C ILE A 10 -28.89 -19.54 18.97
N GLN A 11 -29.04 -18.99 20.17
CA GLN A 11 -28.11 -19.20 21.27
C GLN A 11 -27.85 -20.71 21.50
N GLU A 12 -28.91 -21.52 21.44
CA GLU A 12 -28.73 -22.95 21.65
C GLU A 12 -28.10 -23.63 20.45
N ARG A 13 -28.52 -23.23 19.26
CA ARG A 13 -28.01 -23.82 18.03
C ARG A 13 -26.59 -23.42 17.71
N THR A 14 -26.13 -22.27 18.22
CA THR A 14 -24.81 -21.78 17.83
C THR A 14 -23.78 -21.84 18.94
N GLY A 15 -24.22 -21.63 20.19
CA GLY A 15 -23.28 -21.58 21.29
C GLY A 15 -22.93 -20.14 21.61
N VAL A 16 -23.52 -19.21 20.88
CA VAL A 16 -23.35 -17.78 21.10
C VAL A 16 -24.46 -17.26 22.01
N PRO A 17 -24.10 -16.69 23.18
CA PRO A 17 -25.17 -16.24 24.07
C PRO A 17 -26.09 -15.21 23.45
N SER A 18 -27.38 -15.37 23.72
CA SER A 18 -28.43 -14.46 23.28
C SER A 18 -28.08 -12.98 23.52
N SER A 19 -27.21 -12.74 24.48
CA SER A 19 -26.79 -11.39 24.81
C SER A 19 -25.84 -10.82 23.74
N ARG A 20 -24.79 -11.56 23.41
CA ARG A 20 -23.90 -11.24 22.29
C ARG A 20 -24.67 -11.02 20.98
N LEU A 21 -25.63 -11.90 20.70
CA LEU A 21 -26.42 -11.83 19.48
C LEU A 21 -27.19 -10.51 19.35
N LYS A 22 -27.61 -9.94 20.48
CA LYS A 22 -28.34 -8.67 20.46
C LYS A 22 -27.35 -7.51 20.30
N VAL A 23 -26.10 -7.75 20.67
CA VAL A 23 -25.02 -6.78 20.48
C VAL A 23 -24.65 -6.78 18.99
N ALA A 24 -24.73 -7.95 18.38
CA ALA A 24 -24.44 -8.08 16.95
C ALA A 24 -25.59 -7.58 16.10
N PHE A 25 -26.75 -7.38 16.70
CA PHE A 25 -27.88 -6.86 15.96
C PHE A 25 -27.84 -5.33 15.96
N ALA A 26 -26.75 -4.78 16.50
CA ALA A 26 -26.44 -3.37 16.31
C ALA A 26 -25.88 -3.16 14.91
N ARG A 27 -25.03 -4.10 14.50
CA ARG A 27 -24.26 -3.98 13.27
C ARG A 27 -24.22 -5.26 12.40
N GLY A 28 -23.34 -6.21 12.75
CA GLY A 28 -23.02 -7.33 11.87
C GLY A 28 -23.92 -8.55 11.92
N SER A 29 -25.22 -8.35 12.08
CA SER A 29 -26.18 -9.44 12.12
C SER A 29 -27.49 -9.00 11.47
N LEU A 30 -27.74 -9.46 10.25
CA LEU A 30 -28.90 -9.02 9.48
C LEU A 30 -29.96 -10.10 9.40
N ARG A 31 -31.21 -9.68 9.52
CA ARG A 31 -32.37 -10.56 9.33
C ARG A 31 -32.95 -10.27 7.95
N LEU A 32 -33.24 -11.32 7.20
CA LEU A 32 -33.69 -11.16 5.82
C LEU A 32 -34.57 -12.31 5.35
N LEU A 33 -35.48 -12.02 4.42
CA LEU A 33 -36.30 -13.05 3.81
C LEU A 33 -35.47 -13.81 2.77
N GLU A 34 -35.48 -15.12 2.86
CA GLU A 34 -34.89 -15.98 1.83
C GLU A 34 -35.38 -17.42 1.87
N SER A 35 -35.67 -17.96 0.68
CA SER A 35 -36.16 -19.32 0.51
C SER A 35 -37.53 -19.51 1.18
N ALA A 36 -38.01 -20.76 1.19
CA ALA A 36 -39.42 -21.14 1.47
C ALA A 36 -40.18 -20.21 2.42
N GLY A 37 -40.32 -18.94 2.01
CA GLY A 37 -40.94 -17.91 2.82
C GLY A 37 -40.25 -17.79 4.15
N MET A 38 -38.95 -18.10 4.15
CA MET A 38 -38.20 -18.34 5.38
C MET A 38 -37.43 -17.14 5.88
N GLN A 39 -37.31 -17.02 7.19
CA GLN A 39 -36.56 -15.91 7.77
C GLN A 39 -35.15 -16.38 8.16
N ALA A 40 -34.15 -15.67 7.67
CA ALA A 40 -32.75 -16.07 7.86
C ALA A 40 -31.91 -14.98 8.51
N LEU A 41 -30.84 -15.40 9.18
CA LEU A 41 -29.90 -14.48 9.82
C LEU A 41 -28.50 -14.66 9.28
N LEU A 42 -27.89 -13.53 8.90
CA LEU A 42 -26.62 -13.52 8.19
C LEU A 42 -25.57 -12.78 8.99
N PHE A 43 -24.60 -13.53 9.51
CA PHE A 43 -23.50 -12.96 10.30
C PHE A 43 -22.44 -12.31 9.39
N LYS A 44 -22.52 -11.00 9.23
CA LYS A 44 -21.57 -10.28 8.40
C LYS A 44 -20.18 -10.34 9.02
N LYS A 45 -20.12 -10.14 10.33
CA LYS A 45 -18.86 -10.23 11.07
C LYS A 45 -18.82 -11.57 11.81
N PRO A 46 -17.62 -12.15 11.98
CA PRO A 46 -17.56 -13.38 12.76
C PRO A 46 -17.92 -13.10 14.21
N LEU A 47 -18.31 -14.13 14.94
CA LEU A 47 -18.82 -13.96 16.29
C LEU A 47 -18.72 -15.28 17.02
N GLY A 48 -17.67 -15.44 17.82
CA GLY A 48 -17.41 -16.70 18.48
C GLY A 48 -16.80 -17.70 17.51
N ASP A 49 -17.18 -18.96 17.68
CA ASP A 49 -16.78 -20.01 16.75
C ASP A 49 -17.37 -19.80 15.37
N LEU A 50 -18.40 -18.97 15.30
CA LEU A 50 -19.14 -18.71 14.09
C LEU A 50 -18.30 -17.91 13.08
N GLU A 51 -18.29 -18.38 11.83
CA GLU A 51 -17.52 -17.74 10.77
C GLU A 51 -18.33 -16.65 10.07
N ALA A 52 -17.67 -15.62 9.56
CA ALA A 52 -18.37 -14.63 8.75
C ALA A 52 -18.96 -15.33 7.54
N GLY A 53 -20.10 -14.84 7.06
CA GLY A 53 -20.84 -15.53 6.01
C GLY A 53 -21.75 -16.65 6.53
N THR A 54 -21.71 -16.90 7.84
CA THR A 54 -22.62 -17.85 8.47
C THR A 54 -24.08 -17.44 8.22
N VAL A 55 -24.89 -18.37 7.70
CA VAL A 55 -26.31 -18.10 7.58
C VAL A 55 -27.15 -19.13 8.35
N ILE A 56 -28.12 -18.62 9.12
CA ILE A 56 -29.08 -19.47 9.84
C ILE A 56 -30.48 -19.41 9.23
N TYR A 57 -30.99 -20.56 8.82
CA TYR A 57 -32.33 -20.64 8.26
C TYR A 57 -33.31 -21.18 9.28
N LEU A 58 -34.39 -20.44 9.48
CA LEU A 58 -35.31 -20.70 10.57
C LEU A 58 -36.55 -21.42 10.11
N GLY A 59 -36.38 -22.64 9.59
CA GLY A 59 -37.49 -23.39 9.04
C GLY A 59 -38.06 -24.44 9.97
N ASP A 60 -38.48 -25.57 9.40
CA ASP A 60 -38.92 -26.71 10.20
C ASP A 60 -37.83 -26.95 11.23
N GLU A 61 -36.65 -27.29 10.74
CA GLU A 61 -35.49 -27.21 11.60
C GLU A 61 -34.78 -25.88 11.35
N THR A 62 -34.12 -25.38 12.38
CA THR A 62 -33.24 -24.23 12.24
C THR A 62 -31.86 -24.79 11.88
N GLU A 63 -31.41 -24.45 10.68
CA GLU A 63 -30.15 -24.97 10.17
C GLU A 63 -29.11 -23.87 10.11
N VAL A 64 -27.93 -24.16 10.61
CA VAL A 64 -26.83 -23.21 10.54
C VAL A 64 -25.94 -23.58 9.35
N ILE A 65 -25.85 -22.69 8.37
CA ILE A 65 -24.91 -22.88 7.29
C ILE A 65 -23.64 -22.08 7.56
N ARG A 66 -22.73 -22.69 8.32
CA ARG A 66 -21.50 -22.02 8.73
C ARG A 66 -20.74 -21.35 7.58
N GLY A 67 -20.08 -20.23 7.87
CA GLY A 67 -19.33 -19.54 6.85
C GLY A 67 -18.08 -20.33 6.50
N PHE A 68 -17.61 -20.21 5.27
CA PHE A 68 -16.38 -20.87 4.92
C PHE A 68 -15.23 -20.18 5.61
N PRO A 69 -14.42 -20.97 6.35
CA PRO A 69 -13.24 -20.58 7.14
C PRO A 69 -12.10 -19.94 6.33
N LYS A 70 -11.54 -18.88 6.90
CA LYS A 70 -10.37 -18.23 6.33
C LYS A 70 -9.23 -19.24 6.24
N ILE A 71 -8.65 -19.39 5.06
CA ILE A 71 -7.50 -20.28 4.89
C ILE A 71 -6.27 -19.42 5.02
N ARG A 72 -5.35 -19.83 5.89
CA ARG A 72 -4.15 -19.05 6.13
C ARG A 72 -3.19 -19.16 4.96
N ARG A 73 -2.30 -18.18 4.85
CA ARG A 73 -1.36 -18.10 3.74
C ARG A 73 0.06 -18.34 4.25
N THR A 74 0.89 -18.96 3.42
CA THR A 74 2.31 -19.03 3.70
C THR A 74 3.05 -18.44 2.50
N LEU A 75 4.18 -17.78 2.76
CA LEU A 75 4.98 -17.15 1.71
C LEU A 75 6.18 -18.03 1.35
N LEU A 76 6.45 -19.00 2.22
CA LEU A 76 7.54 -19.92 2.01
C LEU A 76 7.00 -21.34 2.07
N LEU A 77 7.61 -22.25 1.32
CA LEU A 77 7.22 -23.67 1.39
C LEU A 77 7.97 -24.39 2.52
N SER A 78 9.21 -23.96 2.76
CA SER A 78 10.06 -24.46 3.83
C SER A 78 10.66 -23.33 4.67
N PRO A 79 10.64 -23.45 6.01
CA PRO A 79 10.35 -24.62 6.84
C PRO A 79 8.87 -24.85 7.07
N THR A 80 8.07 -23.89 6.61
CA THR A 80 6.68 -23.72 7.03
C THR A 80 5.77 -24.96 6.89
N ILE A 81 5.83 -25.63 5.75
CA ILE A 81 4.98 -26.79 5.54
C ILE A 81 5.30 -27.84 6.60
N GLN A 82 6.58 -28.15 6.77
CA GLN A 82 7.03 -29.08 7.83
C GLN A 82 6.71 -28.55 9.22
N GLU A 83 6.22 -27.32 9.32
CA GLU A 83 6.09 -26.66 10.62
C GLU A 83 4.63 -26.58 11.01
N HIS A 84 3.77 -26.90 10.04
CA HIS A 84 2.34 -26.72 10.19
C HIS A 84 1.60 -28.06 10.08
N PHE A 85 2.19 -29.00 9.36
CA PHE A 85 1.57 -30.26 8.98
C PHE A 85 2.20 -31.46 9.70
N ARG A 86 1.55 -32.61 9.59
CA ARG A 86 1.99 -33.81 10.28
C ARG A 86 1.85 -35.06 9.41
N ASP A 87 3.00 -35.60 8.99
CA ASP A 87 3.13 -36.85 8.23
C ASP A 87 2.82 -36.71 6.75
N ARG A 88 1.59 -36.33 6.43
CA ARG A 88 1.20 -36.24 5.03
C ARG A 88 0.55 -34.91 4.75
N VAL A 89 0.74 -34.47 3.51
CA VAL A 89 0.11 -33.25 3.01
C VAL A 89 -0.62 -33.52 1.71
N ALA A 90 -1.92 -33.25 1.68
CA ALA A 90 -2.69 -33.33 0.43
C ALA A 90 -2.64 -32.00 -0.33
N VAL A 91 -2.34 -32.07 -1.61
CA VAL A 91 -2.09 -30.87 -2.40
C VAL A 91 -3.05 -30.71 -3.56
N GLU A 92 -4.01 -29.79 -3.43
CA GLU A 92 -5.03 -29.59 -4.47
C GLU A 92 -4.75 -28.32 -5.26
N GLU A 93 -5.44 -28.13 -6.37
CA GLU A 93 -5.29 -26.90 -7.13
C GLU A 93 -6.18 -25.79 -6.61
N LYS A 94 -5.57 -24.63 -6.43
CA LYS A 94 -6.31 -23.43 -6.08
C LYS A 94 -7.03 -22.91 -7.31
N MET A 95 -8.37 -22.94 -7.24
CA MET A 95 -9.20 -22.46 -8.35
C MET A 95 -9.54 -20.99 -8.20
N ASN A 96 -9.15 -20.19 -9.18
CA ASN A 96 -9.48 -18.78 -9.16
C ASN A 96 -10.92 -18.52 -9.57
N GLY A 97 -11.81 -18.33 -8.61
CA GLY A 97 -13.23 -18.18 -8.95
C GLY A 97 -14.01 -17.47 -7.89
N TYR A 98 -15.18 -17.97 -7.52
CA TYR A 98 -15.79 -17.46 -6.31
C TYR A 98 -16.44 -18.56 -5.49
N ASN A 99 -16.12 -18.49 -4.20
CA ASN A 99 -16.56 -19.39 -3.16
C ASN A 99 -18.06 -19.59 -3.13
N VAL A 100 -18.48 -20.84 -3.14
CA VAL A 100 -19.89 -21.18 -3.20
C VAL A 100 -20.20 -22.29 -2.22
N ARG A 101 -21.11 -22.03 -1.31
CA ARG A 101 -21.59 -23.09 -0.45
C ARG A 101 -22.97 -23.46 -0.95
N ILE A 102 -23.13 -24.70 -1.38
CA ILE A 102 -24.43 -25.22 -1.81
C ILE A 102 -25.01 -26.11 -0.72
N ALA A 103 -26.25 -25.84 -0.38
CA ALA A 103 -26.91 -26.57 0.67
C ALA A 103 -28.33 -26.95 0.24
N CYS A 104 -28.81 -28.09 0.73
CA CYS A 104 -30.25 -28.40 0.67
C CYS A 104 -30.82 -28.04 2.05
N LEU A 105 -31.93 -27.30 2.04
CA LEU A 105 -32.52 -26.83 3.28
C LEU A 105 -33.71 -27.71 3.65
N SER A 106 -34.13 -27.65 4.92
CA SER A 106 -35.27 -28.41 5.45
C SER A 106 -36.55 -28.33 4.58
N SER A 107 -36.59 -27.34 3.71
CA SER A 107 -37.73 -27.14 2.84
C SER A 107 -37.55 -27.86 1.52
N GLY A 108 -36.46 -28.61 1.41
CA GLY A 108 -36.10 -29.28 0.16
C GLY A 108 -35.49 -28.34 -0.87
N GLU A 109 -35.60 -27.04 -0.64
CA GLU A 109 -35.04 -26.06 -1.54
C GLU A 109 -33.50 -26.02 -1.52
N THR A 110 -32.90 -25.97 -2.69
CA THR A 110 -31.44 -25.92 -2.81
C THR A 110 -31.00 -24.46 -2.97
N VAL A 111 -29.89 -24.11 -2.31
CA VAL A 111 -29.49 -22.70 -2.19
C VAL A 111 -27.98 -22.55 -2.30
N ALA A 112 -27.51 -21.55 -3.04
CA ALA A 112 -26.06 -21.38 -3.22
C ALA A 112 -25.57 -20.08 -2.63
N LEU A 113 -24.82 -20.19 -1.54
CA LEU A 113 -24.38 -19.01 -0.80
C LEU A 113 -23.05 -18.44 -1.29
N THR A 114 -23.06 -17.14 -1.61
CA THR A 114 -21.83 -16.39 -1.84
C THR A 114 -21.10 -16.33 -0.51
N ARG A 115 -19.85 -15.87 -0.51
CA ARG A 115 -19.06 -15.92 0.71
C ARG A 115 -19.67 -15.15 1.88
N GLY A 116 -20.38 -14.07 1.57
CA GLY A 116 -20.96 -13.22 2.60
C GLY A 116 -22.17 -13.87 3.24
N GLY A 117 -22.71 -14.86 2.55
CA GLY A 117 -23.88 -15.55 3.05
C GLY A 117 -25.15 -15.22 2.28
N HIS A 118 -25.04 -14.32 1.29
CA HIS A 118 -26.18 -13.97 0.46
C HIS A 118 -26.46 -15.06 -0.54
N VAL A 119 -27.73 -15.25 -0.85
CA VAL A 119 -28.07 -16.18 -1.92
C VAL A 119 -27.92 -15.44 -3.23
N CYS A 120 -27.23 -16.05 -4.18
CA CYS A 120 -27.05 -15.43 -5.46
C CYS A 120 -27.99 -16.08 -6.43
N PRO A 121 -28.79 -15.29 -7.15
CA PRO A 121 -29.83 -15.87 -8.01
C PRO A 121 -29.18 -16.55 -9.20
N PHE A 122 -28.02 -16.03 -9.61
CA PHE A 122 -27.28 -16.54 -10.74
C PHE A 122 -26.60 -17.85 -10.36
N THR A 123 -26.00 -17.85 -9.17
CA THR A 123 -25.23 -18.98 -8.67
C THR A 123 -26.13 -20.16 -8.33
N THR A 124 -27.32 -19.90 -7.82
CA THR A 124 -28.22 -21.00 -7.47
C THR A 124 -28.79 -21.62 -8.74
N ARG A 125 -29.05 -20.79 -9.76
CA ARG A 125 -29.61 -21.34 -10.99
C ARG A 125 -28.57 -22.23 -11.63
N LYS A 126 -27.39 -21.67 -11.84
CA LYS A 126 -26.34 -22.34 -12.59
C LYS A 126 -25.79 -23.56 -11.86
N ALA A 127 -25.83 -23.53 -10.54
CA ALA A 127 -25.27 -24.62 -9.76
C ALA A 127 -26.08 -25.90 -9.94
N GLN A 128 -27.38 -25.76 -10.10
CA GLN A 128 -28.17 -26.96 -10.27
C GLN A 128 -28.29 -27.28 -11.75
N GLU A 129 -28.03 -26.29 -12.59
CA GLU A 129 -27.99 -26.56 -14.02
C GLU A 129 -26.80 -27.43 -14.38
N LEU A 130 -25.67 -27.22 -13.70
CA LEU A 130 -24.42 -27.87 -14.07
C LEU A 130 -24.04 -28.99 -13.09
N LEU A 131 -24.80 -29.14 -12.02
CA LEU A 131 -24.55 -30.21 -11.05
C LEU A 131 -25.78 -31.06 -10.81
N ASP A 132 -25.58 -32.38 -10.82
CA ASP A 132 -26.65 -33.30 -10.44
C ASP A 132 -26.58 -33.58 -8.93
N LEU A 133 -27.39 -32.86 -8.17
CA LEU A 133 -27.31 -32.78 -6.72
C LEU A 133 -28.41 -33.56 -6.06
N SER A 134 -29.40 -33.92 -6.87
CA SER A 134 -30.65 -34.53 -6.41
C SER A 134 -30.42 -35.75 -5.54
N GLU A 135 -29.72 -36.73 -6.10
CA GLU A 135 -29.34 -37.94 -5.37
C GLU A 135 -28.34 -37.73 -4.24
N PHE A 136 -27.36 -36.83 -4.40
CA PHE A 136 -26.43 -36.57 -3.30
C PHE A 136 -27.16 -36.01 -2.07
N PHE A 137 -28.08 -35.09 -2.29
CA PHE A 137 -28.79 -34.46 -1.19
C PHE A 137 -29.87 -35.36 -0.58
N ARG A 138 -30.37 -36.32 -1.36
CA ARG A 138 -31.31 -37.30 -0.83
C ARG A 138 -30.58 -38.15 0.19
N GLU A 139 -29.30 -38.39 -0.06
CA GLU A 139 -28.51 -39.25 0.82
C GLU A 139 -27.66 -38.49 1.86
N HIS A 140 -27.37 -37.21 1.61
CA HIS A 140 -26.53 -36.44 2.53
C HIS A 140 -26.97 -34.98 2.73
N PRO A 141 -28.23 -34.74 3.14
CA PRO A 141 -28.84 -33.40 3.18
C PRO A 141 -28.29 -32.46 4.25
N ASP A 142 -27.36 -32.94 5.06
CA ASP A 142 -26.79 -32.11 6.09
C ASP A 142 -25.31 -31.93 5.84
N LEU A 143 -24.90 -32.17 4.60
CA LEU A 143 -23.55 -31.84 4.12
C LEU A 143 -23.60 -30.63 3.18
N VAL A 144 -22.79 -29.62 3.48
CA VAL A 144 -22.73 -28.43 2.62
C VAL A 144 -21.60 -28.53 1.59
N ILE A 145 -21.96 -28.55 0.32
CA ILE A 145 -20.98 -28.62 -0.76
C ILE A 145 -20.22 -27.29 -0.86
N CYS A 146 -18.90 -27.33 -0.68
CA CYS A 146 -18.08 -26.12 -0.78
C CYS A 146 -17.18 -26.14 -2.01
N GLY A 147 -17.37 -25.17 -2.90
CA GLY A 147 -16.67 -25.20 -4.16
C GLY A 147 -16.22 -23.87 -4.74
N GLU A 148 -15.66 -23.94 -5.93
CA GLU A 148 -15.30 -22.74 -6.64
C GLU A 148 -16.00 -22.69 -8.00
N MET A 149 -16.88 -21.70 -8.17
CA MET A 149 -17.47 -21.47 -9.47
C MET A 149 -16.42 -20.78 -10.33
N ILE A 150 -16.03 -21.42 -11.43
CA ILE A 150 -15.00 -20.88 -12.29
C ILE A 150 -15.47 -20.76 -13.74
N GLY A 151 -14.64 -20.18 -14.60
CA GLY A 151 -14.96 -20.06 -16.01
C GLY A 151 -14.95 -18.64 -16.53
N ARG A 152 -14.85 -18.48 -17.85
CA ARG A 152 -14.73 -17.16 -18.48
C ARG A 152 -16.01 -16.35 -18.40
N ASP A 153 -17.16 -17.02 -18.43
CA ASP A 153 -18.44 -16.32 -18.37
C ASP A 153 -18.91 -16.22 -16.93
N ASN A 154 -17.99 -15.79 -16.07
CA ASN A 154 -18.21 -15.73 -14.63
C ASN A 154 -18.41 -14.29 -14.19
N PRO A 155 -19.60 -13.98 -13.65
CA PRO A 155 -19.90 -12.60 -13.25
C PRO A 155 -19.04 -12.05 -12.09
N TYR A 156 -18.30 -12.91 -11.38
CA TYR A 156 -17.62 -12.48 -10.16
C TYR A 156 -16.11 -12.41 -10.30
N VAL A 157 -15.51 -13.53 -10.65
CA VAL A 157 -14.10 -13.57 -10.98
C VAL A 157 -13.96 -14.38 -12.27
N SER A 158 -13.57 -13.70 -13.33
CA SER A 158 -13.61 -14.27 -14.67
C SER A 158 -12.27 -14.78 -15.17
N GLN A 159 -12.04 -16.08 -15.02
CA GLN A 159 -10.87 -16.69 -15.64
C GLN A 159 -11.31 -17.90 -16.44
N ASP A 160 -10.85 -18.00 -17.68
CA ASP A 160 -11.24 -19.10 -18.54
C ASP A 160 -10.45 -20.37 -18.22
N TYR A 161 -11.13 -21.33 -17.62
CA TYR A 161 -10.63 -22.69 -17.49
C TYR A 161 -11.32 -23.57 -18.55
N PRO A 162 -10.76 -23.61 -19.78
CA PRO A 162 -11.44 -24.26 -20.91
C PRO A 162 -11.97 -25.66 -20.60
N GLU A 163 -11.26 -26.41 -19.75
CA GLU A 163 -11.62 -27.81 -19.45
C GLU A 163 -12.91 -27.94 -18.62
N VAL A 164 -13.50 -26.81 -18.24
CA VAL A 164 -14.79 -26.83 -17.56
C VAL A 164 -15.86 -26.10 -18.38
N GLY A 165 -15.45 -25.58 -19.54
CA GLY A 165 -16.37 -24.82 -20.38
C GLY A 165 -16.42 -23.35 -20.01
N PRO A 166 -17.44 -22.63 -20.48
CA PRO A 166 -17.52 -21.20 -20.18
C PRO A 166 -17.80 -20.96 -18.71
N LEU A 167 -18.54 -21.88 -18.11
CA LEU A 167 -18.88 -21.80 -16.70
C LEU A 167 -18.87 -23.18 -16.06
N GLY A 168 -18.32 -23.26 -14.87
CA GLY A 168 -18.09 -24.55 -14.27
C GLY A 168 -17.96 -24.51 -12.76
N PHE A 169 -17.78 -25.71 -12.20
CA PHE A 169 -17.77 -25.84 -10.77
C PHE A 169 -16.81 -26.92 -10.34
N ARG A 170 -16.19 -26.72 -9.19
CA ARG A 170 -15.22 -27.66 -8.62
C ARG A 170 -15.31 -27.65 -7.09
N VAL A 171 -15.69 -28.81 -6.53
CA VAL A 171 -15.85 -28.95 -5.08
C VAL A 171 -14.50 -29.15 -4.38
N PHE A 172 -14.29 -28.45 -3.27
CA PHE A 172 -13.08 -28.67 -2.50
C PHE A 172 -13.39 -29.01 -1.06
N ASP A 173 -14.67 -29.14 -0.73
CA ASP A 173 -15.05 -29.41 0.66
C ASP A 173 -16.48 -29.90 0.88
N LEU A 174 -16.60 -30.85 1.81
CA LEU A 174 -17.88 -31.23 2.36
C LEU A 174 -17.90 -30.93 3.86
N ARG A 175 -18.75 -29.99 4.25
CA ARG A 175 -18.84 -29.55 5.65
C ARG A 175 -20.24 -29.65 6.21
N GLU A 176 -20.36 -30.24 7.40
CA GLU A 176 -21.66 -30.49 8.03
C GLU A 176 -22.34 -29.20 8.43
N LYS A 177 -23.67 -29.18 8.39
CA LYS A 177 -24.40 -28.02 8.88
C LYS A 177 -24.11 -27.85 10.35
N ASN A 178 -24.23 -26.61 10.83
CA ASN A 178 -24.03 -26.28 12.23
C ASN A 178 -22.60 -26.41 12.72
N THR A 179 -22.02 -27.60 12.64
CA THR A 179 -20.68 -27.83 13.19
C THR A 179 -19.55 -27.41 12.25
N ASN A 180 -19.85 -27.38 10.95
CA ASN A 180 -18.89 -27.04 9.91
C ASN A 180 -17.70 -27.98 9.85
N ARG A 181 -17.85 -29.18 10.39
CA ARG A 181 -16.75 -30.12 10.35
C ARG A 181 -16.57 -30.67 8.96
N PRO A 182 -15.32 -30.68 8.46
CA PRO A 182 -15.00 -31.21 7.14
C PRO A 182 -14.82 -32.71 7.15
N LEU A 183 -15.23 -33.39 6.09
CA LEU A 183 -14.83 -34.77 5.88
C LEU A 183 -13.36 -34.79 5.53
N PRO A 184 -12.61 -35.83 5.96
CA PRO A 184 -11.24 -36.06 5.50
C PRO A 184 -11.10 -35.95 3.98
N VAL A 185 -9.91 -35.62 3.50
CA VAL A 185 -9.75 -35.31 2.08
C VAL A 185 -10.13 -36.46 1.13
N GLU A 186 -9.54 -37.62 1.32
CA GLU A 186 -9.66 -38.71 0.33
C GLU A 186 -11.04 -39.37 0.36
N GLU A 187 -11.70 -39.28 1.51
CA GLU A 187 -13.05 -39.79 1.63
C GLU A 187 -14.02 -38.85 0.92
N ARG A 188 -13.76 -37.55 1.04
CA ARG A 188 -14.56 -36.53 0.40
C ARG A 188 -14.55 -36.74 -1.11
N ARG A 189 -13.35 -36.90 -1.66
CA ARG A 189 -13.21 -37.06 -3.10
C ARG A 189 -13.95 -38.29 -3.60
N ALA A 190 -13.78 -39.40 -2.90
CA ALA A 190 -14.46 -40.64 -3.24
C ALA A 190 -15.98 -40.49 -3.18
N LEU A 191 -16.46 -39.94 -2.08
CA LEU A 191 -17.89 -39.77 -1.91
C LEU A 191 -18.50 -38.93 -3.01
N LEU A 192 -17.83 -37.83 -3.32
CA LEU A 192 -18.26 -36.96 -4.40
C LEU A 192 -18.15 -37.64 -5.77
N ASP A 193 -17.21 -38.58 -5.89
CA ASP A 193 -17.08 -39.35 -7.12
C ASP A 193 -18.28 -40.24 -7.32
N SER A 194 -18.71 -40.88 -6.25
CA SER A 194 -19.75 -41.89 -6.38
C SER A 194 -21.12 -41.25 -6.53
N TYR A 195 -21.16 -39.91 -6.58
CA TYR A 195 -22.40 -39.21 -6.96
C TYR A 195 -22.17 -38.34 -8.20
N GLY A 196 -21.09 -38.62 -8.92
CA GLY A 196 -20.85 -37.98 -10.21
C GLY A 196 -20.65 -36.50 -10.06
N LEU A 197 -20.02 -36.12 -8.95
CA LEU A 197 -19.77 -34.74 -8.62
C LEU A 197 -18.30 -34.44 -8.77
N PRO A 198 -17.96 -33.25 -9.28
CA PRO A 198 -16.60 -32.89 -9.65
C PRO A 198 -15.72 -32.42 -8.48
N ASN A 199 -14.58 -33.09 -8.29
CA ASN A 199 -13.56 -32.66 -7.33
C ASN A 199 -12.53 -31.75 -7.97
N VAL A 200 -12.16 -30.67 -7.27
CA VAL A 200 -10.96 -29.89 -7.63
C VAL A 200 -9.82 -30.85 -7.87
N ARG A 201 -8.97 -30.57 -8.86
CA ARG A 201 -7.81 -31.40 -9.13
C ARG A 201 -6.96 -31.60 -7.89
N LEU A 202 -6.55 -32.83 -7.66
CA LEU A 202 -5.66 -33.17 -6.57
C LEU A 202 -4.37 -33.74 -7.13
N PHE A 203 -3.26 -33.06 -6.90
CA PHE A 203 -2.01 -33.46 -7.50
C PHE A 203 -1.50 -34.75 -6.89
N GLY A 204 -1.80 -34.93 -5.62
CA GLY A 204 -1.33 -36.09 -4.94
C GLY A 204 -1.28 -35.87 -3.45
N VAL A 205 -0.95 -36.94 -2.76
CA VAL A 205 -0.74 -36.87 -1.33
C VAL A 205 0.69 -37.30 -1.10
N TYR A 206 1.48 -36.42 -0.49
CA TYR A 206 2.92 -36.66 -0.35
C TYR A 206 3.35 -36.69 1.10
N PRO A 207 4.31 -37.59 1.43
CA PRO A 207 4.87 -37.64 2.79
C PRO A 207 5.50 -36.31 3.13
N ILE A 208 5.45 -35.92 4.40
CA ILE A 208 5.69 -34.55 4.77
C ILE A 208 7.10 -34.06 4.43
N GLU A 209 8.06 -34.97 4.35
CA GLU A 209 9.43 -34.59 4.04
C GLU A 209 9.52 -34.05 2.62
N GLU A 210 8.78 -34.67 1.72
CA GLU A 210 8.89 -34.38 0.31
C GLU A 210 7.86 -33.35 -0.17
N ALA A 211 7.02 -32.89 0.75
CA ALA A 211 5.89 -32.04 0.40
C ALA A 211 6.33 -30.72 -0.21
N ALA A 212 7.30 -30.08 0.43
CA ALA A 212 7.72 -28.74 0.04
C ALA A 212 8.37 -28.72 -1.33
N SER A 213 9.11 -29.77 -1.65
CA SER A 213 9.73 -29.84 -2.96
C SER A 213 8.68 -30.17 -4.02
N GLU A 214 7.78 -31.09 -3.68
CA GLU A 214 6.70 -31.48 -4.59
C GLU A 214 5.82 -30.29 -4.92
N VAL A 215 5.57 -29.44 -3.93
CA VAL A 215 4.78 -28.23 -4.13
C VAL A 215 5.55 -27.22 -4.99
N ALA A 216 6.87 -27.23 -4.89
CA ALA A 216 7.72 -26.34 -5.67
C ALA A 216 7.62 -26.63 -7.17
N ASP A 217 7.65 -27.92 -7.54
CA ASP A 217 7.50 -28.31 -8.93
C ASP A 217 6.12 -27.98 -9.47
N ILE A 218 5.09 -28.33 -8.72
CA ILE A 218 3.73 -28.02 -9.11
C ILE A 218 3.56 -26.52 -9.40
N ILE A 219 4.09 -25.70 -8.50
CA ILE A 219 3.96 -24.25 -8.62
C ILE A 219 4.70 -23.74 -9.87
N ARG A 220 5.85 -24.35 -10.16
CA ARG A 220 6.57 -24.04 -11.39
C ARG A 220 5.70 -24.41 -12.59
N ALA A 221 5.02 -25.56 -12.52
CA ALA A 221 4.12 -25.97 -13.58
C ALA A 221 2.91 -25.04 -13.67
N LEU A 222 2.32 -24.71 -12.52
CA LEU A 222 1.09 -23.92 -12.49
C LEU A 222 1.36 -22.54 -13.05
N GLY A 223 2.49 -21.97 -12.65
CA GLY A 223 2.90 -20.67 -13.16
C GLY A 223 3.02 -20.61 -14.68
N MET A 224 3.72 -21.56 -15.26
CA MET A 224 3.95 -21.55 -16.71
C MET A 224 2.70 -21.95 -17.47
N ALA A 225 1.62 -22.19 -16.73
CA ALA A 225 0.32 -22.48 -17.33
C ALA A 225 -0.58 -21.29 -17.11
N GLY A 226 -0.20 -20.44 -16.16
CA GLY A 226 -0.97 -19.27 -15.81
C GLY A 226 -2.12 -19.56 -14.86
N ARG A 227 -1.98 -20.58 -14.02
CA ARG A 227 -3.00 -20.95 -13.04
C ARG A 227 -2.67 -20.36 -11.66
N GLU A 228 -3.68 -20.27 -10.78
CA GLU A 228 -3.54 -19.43 -9.60
C GLU A 228 -2.59 -20.04 -8.59
N GLY A 229 -2.71 -21.33 -8.32
CA GLY A 229 -1.83 -21.93 -7.34
C GLY A 229 -2.36 -23.15 -6.64
N VAL A 230 -2.01 -23.31 -5.36
CA VAL A 230 -2.18 -24.56 -4.66
C VAL A 230 -2.85 -24.33 -3.31
N VAL A 231 -3.64 -25.30 -2.85
CA VAL A 231 -4.16 -25.33 -1.49
C VAL A 231 -3.70 -26.62 -0.83
N MET A 232 -2.96 -26.53 0.26
CA MET A 232 -2.42 -27.71 0.90
C MET A 232 -3.23 -28.11 2.13
N LYS A 233 -3.48 -29.41 2.28
CA LYS A 233 -4.43 -29.90 3.30
C LYS A 233 -3.92 -31.07 4.13
N ASP A 234 -4.22 -31.02 5.42
CA ASP A 234 -4.05 -32.16 6.30
C ASP A 234 -5.06 -33.22 5.89
N PRO A 235 -4.59 -34.42 5.50
CA PRO A 235 -5.50 -35.40 4.92
C PRO A 235 -6.73 -35.70 5.78
N SER A 236 -6.62 -35.62 7.09
CA SER A 236 -7.80 -35.80 7.94
C SER A 236 -8.30 -34.47 8.49
N MET A 237 -7.92 -33.37 7.86
CA MET A 237 -8.41 -32.04 8.22
C MET A 237 -8.42 -31.77 9.74
N GLU A 238 -7.41 -32.26 10.43
CA GLU A 238 -7.23 -31.94 11.84
C GLU A 238 -6.17 -30.85 11.95
N VAL A 239 -5.66 -30.44 10.80
CA VAL A 239 -4.85 -29.24 10.74
C VAL A 239 -5.44 -28.38 9.63
N PRO A 240 -5.68 -27.08 9.92
CA PRO A 240 -6.29 -26.18 8.94
C PRO A 240 -5.42 -26.08 7.70
N PRO A 241 -6.01 -25.71 6.55
CA PRO A 241 -5.27 -25.65 5.29
C PRO A 241 -4.34 -24.44 5.19
N LEU A 242 -3.34 -24.52 4.30
CA LEU A 242 -2.54 -23.37 3.90
C LEU A 242 -2.60 -23.15 2.39
N LYS A 243 -2.78 -21.90 1.98
CA LYS A 243 -2.77 -21.54 0.56
C LYS A 243 -1.45 -20.88 0.18
N TYR A 244 -1.05 -21.07 -1.06
CA TYR A 244 0.19 -20.50 -1.57
C TYR A 244 0.06 -20.38 -3.10
N THR A 245 0.39 -19.21 -3.64
CA THR A 245 0.11 -18.90 -5.05
C THR A 245 1.31 -18.61 -5.95
N SER A 246 1.07 -18.73 -7.24
CA SER A 246 2.12 -18.58 -8.25
C SER A 246 2.47 -17.13 -8.53
N SER A 247 3.67 -16.92 -9.08
CA SER A 247 4.10 -15.56 -9.39
C SER A 247 3.15 -14.92 -10.41
N GLN A 248 2.73 -15.69 -11.40
CA GLN A 248 1.86 -15.12 -12.42
C GLN A 248 0.49 -14.83 -11.82
N ALA A 249 0.10 -15.64 -10.84
CA ALA A 249 -1.14 -15.36 -10.11
C ALA A 249 -1.09 -13.96 -9.47
N HIS A 250 0.11 -13.59 -9.00
CA HIS A 250 0.32 -12.29 -8.39
C HIS A 250 0.40 -11.20 -9.45
N ALA A 251 1.06 -11.47 -10.57
CA ALA A 251 1.06 -10.52 -11.66
C ALA A 251 -0.36 -10.30 -12.17
N ARG A 252 -1.15 -11.38 -12.21
CA ARG A 252 -2.52 -11.28 -12.69
C ARG A 252 -3.33 -10.32 -11.83
N GLU A 253 -3.37 -10.59 -10.53
CA GLU A 253 -4.13 -9.77 -9.61
C GLU A 253 -3.65 -8.34 -9.64
N LEU A 254 -2.34 -8.19 -9.60
CA LEU A 254 -1.75 -6.87 -9.59
C LEU A 254 -2.14 -6.12 -10.86
N ALA A 255 -1.99 -6.78 -12.00
CA ALA A 255 -2.31 -6.17 -13.29
C ALA A 255 -3.76 -5.71 -13.34
N TYR A 256 -4.64 -6.51 -12.74
CA TYR A 256 -6.04 -6.16 -12.67
C TYR A 256 -6.22 -4.97 -11.75
N ALA A 257 -5.57 -5.04 -10.60
CA ALA A 257 -5.62 -3.98 -9.60
C ALA A 257 -5.17 -2.62 -10.11
N PHE A 258 -4.10 -2.59 -10.92
CA PHE A 258 -3.59 -1.34 -11.47
C PHE A 258 -4.31 -0.95 -12.76
N SER A 259 -5.39 -1.65 -13.07
CA SER A 259 -6.26 -1.26 -14.17
C SER A 259 -7.40 -0.42 -13.57
N TYR A 260 -7.70 -0.66 -12.30
CA TYR A 260 -8.68 0.12 -11.55
C TYR A 260 -8.12 0.46 -10.18
N PRO A 261 -6.98 1.20 -10.16
CA PRO A 261 -6.10 1.35 -8.99
C PRO A 261 -6.75 2.01 -7.79
N PHE A 262 -7.83 2.75 -8.02
CA PHE A 262 -8.46 3.53 -6.96
C PHE A 262 -9.71 2.87 -6.43
N ASP A 263 -9.88 1.60 -6.76
CA ASP A 263 -11.03 0.83 -6.30
C ASP A 263 -10.55 -0.30 -5.38
N PHE A 264 -9.27 -0.62 -5.48
CA PHE A 264 -8.60 -1.53 -4.55
C PHE A 264 -7.98 -0.73 -3.41
N GLY A 265 -8.45 -0.96 -2.19
CA GLY A 265 -8.17 -0.09 -1.06
C GLY A 265 -6.72 0.01 -0.59
N ARG A 266 -5.85 0.60 -1.43
CA ARG A 266 -4.40 0.64 -1.20
C ARG A 266 -3.93 -0.81 -0.94
N PRO A 267 -2.70 -1.04 -0.43
CA PRO A 267 -2.37 -2.41 -0.03
C PRO A 267 -3.44 -3.20 0.76
N PHE A 268 -3.99 -4.31 0.27
CA PHE A 268 -3.79 -5.03 -1.02
C PHE A 268 -2.42 -5.12 -1.71
N PHE A 269 -2.03 -4.06 -2.42
CA PHE A 269 -0.84 -4.01 -3.28
C PHE A 269 0.48 -4.46 -2.62
N PHE A 270 0.68 -4.07 -1.37
CA PHE A 270 1.88 -4.45 -0.66
C PHE A 270 1.92 -5.96 -0.49
N SER A 271 0.80 -6.51 -0.01
CA SER A 271 0.66 -7.93 0.28
C SER A 271 1.08 -8.82 -0.87
N ARG A 272 0.63 -8.49 -2.09
CA ARG A 272 1.03 -9.29 -3.25
C ARG A 272 2.54 -9.15 -3.55
N VAL A 273 3.06 -7.94 -3.55
CA VAL A 273 4.47 -7.72 -3.88
C VAL A 273 5.37 -8.49 -2.92
N ILE A 274 5.03 -8.45 -1.63
CA ILE A 274 5.81 -9.17 -0.63
C ILE A 274 5.90 -10.65 -0.95
N ARG A 275 4.79 -11.23 -1.46
CA ARG A 275 4.80 -12.64 -1.84
C ARG A 275 5.90 -12.89 -2.87
N GLU A 276 6.16 -11.89 -3.70
CA GLU A 276 7.20 -12.00 -4.73
C GLU A 276 8.63 -11.97 -4.18
N GLY A 277 8.85 -11.28 -3.07
CA GLY A 277 10.16 -11.26 -2.46
C GLY A 277 10.55 -12.61 -1.95
N PHE A 278 9.75 -13.15 -1.03
CA PHE A 278 10.05 -14.46 -0.46
C PHE A 278 10.04 -15.56 -1.51
N GLN A 279 9.20 -15.45 -2.54
CA GLN A 279 9.18 -16.52 -3.53
C GLN A 279 10.43 -16.46 -4.42
N ALA A 280 10.93 -15.27 -4.69
CA ALA A 280 12.18 -15.16 -5.44
C ALA A 280 13.34 -15.80 -4.66
N TYR A 281 13.34 -15.57 -3.34
CA TYR A 281 14.31 -16.15 -2.44
C TYR A 281 14.27 -17.67 -2.44
N GLU A 282 13.12 -18.27 -2.73
CA GLU A 282 12.96 -19.71 -2.57
C GLU A 282 12.96 -20.49 -3.88
N LEU A 283 12.40 -19.97 -4.95
CA LEU A 283 12.15 -20.80 -6.13
C LEU A 283 13.02 -20.51 -7.35
N ASP A 284 13.76 -19.41 -7.32
CA ASP A 284 14.59 -19.01 -8.47
C ASP A 284 15.96 -19.67 -8.44
N GLU A 285 16.29 -20.33 -9.55
CA GLU A 285 17.51 -21.12 -9.59
C GLU A 285 18.54 -20.45 -10.47
N SER A 286 18.21 -19.26 -10.94
CA SER A 286 19.17 -18.43 -11.67
C SER A 286 18.82 -16.96 -11.47
N ASP A 287 19.80 -16.10 -11.68
CA ASP A 287 19.56 -14.68 -11.64
C ASP A 287 18.59 -14.31 -12.75
N ASP A 288 18.73 -14.96 -13.90
CA ASP A 288 17.83 -14.77 -15.03
C ASP A 288 16.35 -14.89 -14.64
N GLU A 289 16.00 -15.92 -13.89
CA GLU A 289 14.62 -16.13 -13.48
C GLU A 289 14.10 -14.97 -12.62
N THR A 290 14.96 -14.51 -11.73
CA THR A 290 14.69 -13.36 -10.88
C THR A 290 14.57 -12.09 -11.74
N ARG A 291 15.25 -12.10 -12.87
CA ARG A 291 15.15 -10.99 -13.78
C ARG A 291 13.79 -11.03 -14.44
N GLU A 292 13.38 -12.22 -14.90
CA GLU A 292 12.05 -12.41 -15.45
C GLU A 292 11.00 -11.95 -14.47
N ARG A 293 11.20 -12.32 -13.21
CA ARG A 293 10.28 -11.99 -12.14
C ARG A 293 10.11 -10.47 -12.02
N ALA A 294 11.22 -9.73 -12.06
CA ALA A 294 11.21 -8.26 -12.07
C ALA A 294 10.45 -7.68 -13.26
N ARG A 295 10.88 -8.03 -14.48
CA ARG A 295 10.18 -7.69 -15.73
C ARG A 295 8.68 -7.95 -15.68
N ARG A 296 8.29 -9.07 -15.07
CA ARG A 296 6.87 -9.47 -15.02
C ARG A 296 6.14 -8.59 -14.04
N LEU A 297 6.85 -8.09 -13.03
CA LEU A 297 6.22 -7.27 -12.00
C LEU A 297 6.04 -5.85 -12.48
N GLY A 298 7.09 -5.29 -13.06
CA GLY A 298 7.02 -3.95 -13.62
C GLY A 298 5.91 -3.84 -14.65
N GLU A 299 5.91 -4.73 -15.63
CA GLU A 299 4.95 -4.71 -16.71
C GLU A 299 3.53 -4.86 -16.23
N ALA A 300 3.31 -5.70 -15.23
CA ALA A 300 1.99 -5.86 -14.64
C ALA A 300 1.52 -4.56 -13.98
N ILE A 301 2.46 -3.74 -13.54
CA ILE A 301 2.11 -2.49 -12.88
C ILE A 301 1.97 -1.34 -13.90
N ILE A 302 3.02 -1.06 -14.65
CA ILE A 302 3.01 0.08 -15.55
C ILE A 302 1.94 0.01 -16.62
N TYR A 303 2.00 -1.04 -17.42
CA TYR A 303 1.18 -1.12 -18.61
C TYR A 303 -0.34 -1.08 -18.41
N PRO A 304 -0.87 -1.71 -17.35
CA PRO A 304 -2.31 -1.52 -17.20
C PRO A 304 -2.68 -0.11 -16.76
N MET A 305 -1.81 0.49 -15.97
CA MET A 305 -2.08 1.82 -15.47
C MET A 305 -1.93 2.84 -16.60
N LEU A 306 -0.91 2.65 -17.44
CA LEU A 306 -0.75 3.46 -18.64
C LEU A 306 -1.94 3.38 -19.60
N GLU A 307 -2.46 2.18 -19.83
CA GLU A 307 -3.61 2.06 -20.71
C GLU A 307 -4.89 2.59 -20.08
N ARG A 308 -5.04 2.38 -18.77
CA ARG A 308 -6.22 2.88 -18.09
C ARG A 308 -6.30 4.39 -18.23
N ILE A 309 -5.15 5.04 -18.02
CA ILE A 309 -5.05 6.49 -18.06
C ILE A 309 -5.33 7.00 -19.48
N LYS A 310 -4.69 6.39 -20.49
CA LYS A 310 -5.01 6.69 -21.89
C LYS A 310 -6.51 6.57 -22.18
N SER A 311 -7.12 5.48 -21.73
CA SER A 311 -8.54 5.24 -21.89
C SER A 311 -9.43 6.37 -21.40
N ILE A 312 -9.26 6.77 -20.15
CA ILE A 312 -10.07 7.84 -19.54
C ILE A 312 -9.80 9.19 -20.22
N SER A 313 -8.53 9.37 -20.60
CA SER A 313 -8.09 10.55 -21.32
C SER A 313 -8.91 10.71 -22.61
N ALA A 314 -9.23 9.57 -23.22
CA ALA A 314 -10.03 9.55 -24.43
C ALA A 314 -11.53 9.50 -24.19
N GLY A 315 -11.98 9.83 -22.97
CA GLY A 315 -13.40 9.97 -22.71
C GLY A 315 -14.09 8.77 -22.08
N GLU A 316 -13.50 7.59 -22.23
CA GLU A 316 -14.04 6.35 -21.68
C GLU A 316 -13.96 6.27 -20.16
N ALA A 317 -15.11 6.07 -19.50
CA ALA A 317 -15.12 5.71 -18.09
C ALA A 317 -14.53 4.32 -17.92
N ALA A 318 -13.99 4.04 -16.75
CA ALA A 318 -13.45 2.71 -16.46
C ALA A 318 -14.58 1.75 -16.11
N TYR A 319 -14.74 0.71 -16.93
CA TYR A 319 -15.72 -0.31 -16.65
C TYR A 319 -15.22 -1.69 -17.06
N GLU A 320 -15.93 -2.72 -16.62
CA GLU A 320 -15.68 -4.06 -17.07
C GLU A 320 -17.01 -4.77 -17.38
N ASP A 321 -17.03 -5.46 -18.52
CA ASP A 321 -18.18 -6.26 -18.94
C ASP A 321 -17.95 -7.75 -18.77
N THR A 322 -19.04 -8.46 -18.48
CA THR A 322 -18.99 -9.90 -18.37
C THR A 322 -20.33 -10.41 -18.87
N VAL A 323 -20.31 -11.18 -19.95
CA VAL A 323 -21.54 -11.70 -20.52
C VAL A 323 -21.87 -13.06 -19.91
N ILE A 324 -23.09 -13.17 -19.37
CA ILE A 324 -23.51 -14.37 -18.68
C ILE A 324 -24.74 -15.00 -19.33
N ASP A 325 -25.01 -16.27 -18.98
CA ASP A 325 -26.30 -16.90 -19.28
C ASP A 325 -27.27 -16.56 -18.16
N VAL A 326 -28.47 -16.08 -18.53
CA VAL A 326 -29.56 -15.88 -17.56
C VAL A 326 -30.81 -16.57 -18.08
N GLU A 327 -31.85 -16.65 -17.24
CA GLU A 327 -33.12 -17.24 -17.66
C GLU A 327 -33.96 -16.29 -18.53
N ASP A 328 -33.97 -15.00 -18.16
CA ASP A 328 -34.69 -13.95 -18.85
C ASP A 328 -34.11 -12.58 -18.47
N ARG A 329 -34.63 -11.48 -19.04
CA ARG A 329 -34.04 -10.17 -18.70
C ARG A 329 -34.36 -9.79 -17.27
N GLU A 330 -35.48 -10.29 -16.75
CA GLU A 330 -35.82 -10.02 -15.38
C GLU A 330 -34.81 -10.65 -14.44
N ALA A 331 -34.32 -11.83 -14.82
CA ALA A 331 -33.36 -12.53 -13.97
C ALA A 331 -32.06 -11.74 -13.95
N ALA A 332 -31.55 -11.37 -15.11
CA ALA A 332 -30.36 -10.52 -15.19
C ALA A 332 -30.52 -9.30 -14.28
N GLU A 333 -31.64 -8.61 -14.41
CA GLU A 333 -31.88 -7.44 -13.59
C GLU A 333 -31.81 -7.75 -12.09
N GLU A 334 -32.34 -8.90 -11.69
CA GLU A 334 -32.37 -9.25 -10.27
C GLU A 334 -30.97 -9.49 -9.74
N PHE A 335 -30.15 -10.12 -10.56
CA PHE A 335 -28.75 -10.31 -10.25
C PHE A 335 -28.00 -8.98 -10.16
N ILE A 336 -28.30 -8.05 -11.08
CA ILE A 336 -27.74 -6.71 -11.04
C ILE A 336 -28.01 -6.07 -9.68
N ARG A 337 -29.27 -6.10 -9.27
CA ARG A 337 -29.68 -5.57 -7.96
C ARG A 337 -28.87 -6.20 -6.81
N HIS A 338 -28.71 -7.51 -6.86
CA HIS A 338 -27.93 -8.21 -5.85
C HIS A 338 -26.45 -7.75 -5.80
N LEU A 339 -25.79 -7.63 -6.95
CA LEU A 339 -24.46 -7.02 -6.99
C LEU A 339 -24.50 -5.63 -6.37
N VAL A 340 -25.52 -4.85 -6.73
CA VAL A 340 -25.62 -3.48 -6.24
C VAL A 340 -25.76 -3.44 -4.72
N ARG A 341 -26.66 -4.25 -4.14
CA ARG A 341 -26.79 -4.28 -2.69
C ARG A 341 -25.54 -4.87 -2.03
N LEU A 342 -24.58 -5.30 -2.85
CA LEU A 342 -23.29 -5.74 -2.37
C LEU A 342 -22.26 -4.62 -2.44
N GLY A 343 -22.70 -3.44 -2.89
CA GLY A 343 -21.81 -2.29 -3.02
C GLY A 343 -21.06 -2.25 -4.34
N VAL A 344 -21.65 -2.86 -5.38
CA VAL A 344 -21.06 -2.90 -6.71
C VAL A 344 -21.83 -2.06 -7.73
N SER A 345 -21.12 -1.15 -8.38
CA SER A 345 -21.71 -0.34 -9.42
C SER A 345 -21.90 -1.21 -10.66
N ALA A 346 -23.14 -1.61 -10.91
CA ALA A 346 -23.43 -2.52 -12.01
C ALA A 346 -24.72 -2.15 -12.73
N THR A 347 -24.74 -2.37 -14.05
CA THR A 347 -25.96 -2.30 -14.83
C THR A 347 -25.98 -3.31 -15.97
N LEU A 348 -27.19 -3.65 -16.41
CA LEU A 348 -27.40 -4.35 -17.66
C LEU A 348 -26.93 -3.45 -18.79
N ALA A 349 -26.04 -3.96 -19.65
CA ALA A 349 -25.49 -3.14 -20.72
C ALA A 349 -26.04 -3.57 -22.06
N ASP A 350 -26.66 -4.74 -22.07
CA ASP A 350 -27.10 -5.38 -23.30
C ASP A 350 -27.75 -6.69 -22.94
N TYR A 351 -28.73 -7.06 -23.72
CA TYR A 351 -29.46 -8.28 -23.49
C TYR A 351 -30.03 -8.83 -24.78
N ARG A 352 -29.60 -10.03 -25.14
CA ARG A 352 -30.08 -10.72 -26.32
C ARG A 352 -30.33 -12.17 -25.95
N ASP A 353 -31.53 -12.65 -26.22
CA ASP A 353 -31.95 -14.01 -25.83
C ASP A 353 -31.74 -14.21 -24.33
N GLY A 354 -30.86 -15.13 -23.96
CA GLY A 354 -30.58 -15.33 -22.55
C GLY A 354 -29.22 -14.81 -22.15
N ARG A 355 -28.58 -14.03 -23.03
CA ARG A 355 -27.23 -13.55 -22.75
C ARG A 355 -27.22 -12.07 -22.38
N ALA A 356 -26.92 -11.83 -21.11
CA ALA A 356 -26.99 -10.50 -20.53
C ALA A 356 -25.59 -9.96 -20.25
N THR A 357 -25.28 -8.81 -20.84
CA THR A 357 -23.96 -8.22 -20.65
C THR A 357 -23.93 -7.38 -19.37
N ILE A 358 -23.39 -7.98 -18.30
CA ILE A 358 -23.27 -7.30 -17.00
C ILE A 358 -22.11 -6.31 -16.97
N ARG A 359 -22.41 -5.04 -16.75
CA ARG A 359 -21.39 -3.98 -16.77
C ARG A 359 -21.11 -3.42 -15.38
N ARG A 360 -19.88 -3.60 -14.92
CA ARG A 360 -19.46 -3.12 -13.62
C ARG A 360 -18.65 -1.85 -13.77
N PHE A 361 -19.01 -0.81 -13.02
CA PHE A 361 -18.34 0.49 -13.13
C PHE A 361 -17.42 0.73 -11.97
N TYR A 362 -16.25 1.30 -12.28
CA TYR A 362 -15.26 1.63 -11.28
C TYR A 362 -15.16 3.15 -11.16
N GLN A 363 -16.04 3.71 -10.33
CA GLN A 363 -16.24 5.15 -10.26
C GLN A 363 -15.01 5.87 -9.73
N SER A 364 -14.36 5.28 -8.75
CA SER A 364 -13.25 5.94 -8.11
C SER A 364 -12.04 6.03 -9.03
N THR A 365 -11.82 5.02 -9.85
CA THR A 365 -10.75 5.08 -10.83
C THR A 365 -11.06 6.11 -11.92
N THR A 366 -12.33 6.19 -12.32
CA THR A 366 -12.72 7.17 -13.33
C THR A 366 -12.61 8.62 -12.84
N ASP A 367 -13.18 8.90 -11.67
CA ASP A 367 -13.11 10.21 -11.09
C ASP A 367 -11.70 10.71 -10.84
N ARG A 368 -10.94 9.99 -10.01
CA ARG A 368 -9.60 10.42 -9.63
C ARG A 368 -8.62 10.54 -10.80
N ILE A 369 -8.76 9.73 -11.84
CA ILE A 369 -7.89 9.90 -13.00
C ILE A 369 -8.35 11.08 -13.86
N ASN A 370 -9.65 11.36 -13.89
CA ASN A 370 -10.14 12.57 -14.55
C ASN A 370 -9.72 13.86 -13.86
N ASN A 371 -9.80 13.89 -12.53
CA ASN A 371 -9.40 15.07 -11.77
C ASN A 371 -7.92 15.35 -11.95
N TYR A 372 -7.12 14.29 -12.11
CA TYR A 372 -5.68 14.45 -12.27
C TYR A 372 -5.36 14.94 -13.68
N LEU A 373 -6.15 14.47 -14.65
CA LEU A 373 -5.94 14.82 -16.05
C LEU A 373 -6.41 16.27 -16.35
N LYS A 374 -7.22 16.81 -15.46
CA LYS A 374 -7.75 18.15 -15.62
C LYS A 374 -6.93 19.19 -14.86
N GLY A 375 -5.98 18.72 -14.05
CA GLY A 375 -5.09 19.61 -13.35
C GLY A 375 -5.26 19.60 -11.85
N GLY A 376 -5.95 18.59 -11.34
CA GLY A 376 -6.17 18.46 -9.91
C GLY A 376 -4.90 18.01 -9.22
N LEU A 377 -4.74 18.44 -7.98
CA LEU A 377 -3.48 18.23 -7.24
C LEU A 377 -3.55 17.02 -6.33
N TYR A 378 -2.53 16.16 -6.47
CA TYR A 378 -2.40 14.90 -5.73
C TYR A 378 -2.67 15.03 -4.22
N ASP B 4 5.38 27.11 33.85
CA ASP B 4 4.20 27.90 33.48
C ASP B 4 4.39 28.61 32.12
N ILE B 5 3.78 28.04 31.08
CA ILE B 5 3.84 28.56 29.71
C ILE B 5 2.96 29.80 29.52
N PRO B 6 3.49 30.82 28.82
CA PRO B 6 2.75 32.05 28.46
C PRO B 6 1.80 31.88 27.27
N PHE B 7 0.75 31.08 27.43
CA PHE B 7 -0.14 30.78 26.31
C PHE B 7 -0.75 32.02 25.66
N ASP B 8 -1.10 33.01 26.46
CA ASP B 8 -1.63 34.23 25.91
C ASP B 8 -0.62 34.88 24.99
N LEU B 9 0.65 34.89 25.42
CA LEU B 9 1.71 35.45 24.60
C LEU B 9 1.74 34.66 23.30
N ILE B 10 1.88 33.33 23.39
CA ILE B 10 1.92 32.49 22.19
C ILE B 10 0.65 32.67 21.31
N GLN B 11 -0.51 32.84 21.93
CA GLN B 11 -1.70 33.20 21.15
C GLN B 11 -1.50 34.54 20.42
N GLU B 12 -0.96 35.53 21.13
CA GLU B 12 -0.75 36.82 20.49
C GLU B 12 0.23 36.71 19.34
N ARG B 13 1.27 35.91 19.55
CA ARG B 13 2.38 35.78 18.62
C ARG B 13 2.15 34.76 17.50
N THR B 14 1.02 34.05 17.52
CA THR B 14 0.73 33.02 16.51
C THR B 14 -0.70 33.09 16.00
N GLY B 15 -1.56 33.79 16.71
CA GLY B 15 -2.96 33.91 16.36
C GLY B 15 -3.76 32.64 16.65
N VAL B 16 -3.09 31.61 17.13
CA VAL B 16 -3.81 30.39 17.50
C VAL B 16 -4.45 30.59 18.88
N PRO B 17 -5.79 30.48 18.93
CA PRO B 17 -6.54 30.65 20.17
C PRO B 17 -5.89 29.93 21.34
N SER B 18 -5.84 30.58 22.50
CA SER B 18 -5.23 30.01 23.71
C SER B 18 -5.72 28.61 24.05
N SER B 19 -7.01 28.37 23.82
CA SER B 19 -7.63 27.11 24.16
C SER B 19 -7.11 25.96 23.33
N ARG B 20 -7.04 26.20 22.03
CA ARG B 20 -6.59 25.16 21.11
C ARG B 20 -5.14 24.84 21.36
N LEU B 21 -4.42 25.80 21.92
CA LEU B 21 -3.03 25.59 22.33
C LEU B 21 -2.92 24.66 23.53
N LYS B 22 -3.67 24.96 24.58
CA LYS B 22 -3.64 24.14 25.78
C LYS B 22 -4.13 22.73 25.51
N VAL B 23 -5.04 22.61 24.56
CA VAL B 23 -5.59 21.31 24.21
C VAL B 23 -4.55 20.54 23.39
N ALA B 24 -3.81 21.27 22.56
CA ALA B 24 -2.69 20.67 21.82
C ALA B 24 -1.58 20.22 22.76
N PHE B 25 -1.28 21.05 23.76
CA PHE B 25 -0.25 20.74 24.74
C PHE B 25 -0.65 19.56 25.61
N ALA B 26 -1.94 19.42 25.90
CA ALA B 26 -2.43 18.29 26.68
C ALA B 26 -2.14 16.96 25.98
N ARG B 27 -1.52 17.06 24.79
CA ARG B 27 -1.05 15.93 23.98
C ARG B 27 0.33 16.26 23.36
N GLY B 28 0.36 17.02 22.26
CA GLY B 28 1.62 17.50 21.70
C GLY B 28 1.51 18.20 20.34
N SER B 29 2.17 19.35 20.10
CA SER B 29 2.77 20.38 21.00
C SER B 29 3.52 20.04 22.31
N LEU B 30 4.84 20.21 22.30
CA LEU B 30 5.66 19.84 23.46
C LEU B 30 6.61 20.97 23.91
N ARG B 31 6.75 21.11 25.23
CA ARG B 31 7.59 22.15 25.84
C ARG B 31 8.97 21.60 26.19
N LEU B 32 10.02 22.20 25.64
CA LEU B 32 11.39 21.71 25.85
C LEU B 32 12.42 22.81 26.08
N LEU B 33 13.61 22.39 26.48
CA LEU B 33 14.74 23.29 26.64
C LEU B 33 15.64 23.17 25.44
N GLU B 34 15.91 24.28 24.78
CA GLU B 34 16.94 24.26 23.74
C GLU B 34 17.62 25.62 23.51
N SER B 35 18.94 25.56 23.41
CA SER B 35 19.77 26.64 22.89
C SER B 35 19.70 27.95 23.67
N ALA B 36 20.44 28.04 24.77
CA ALA B 36 21.17 26.90 25.32
C ALA B 36 20.50 26.61 26.65
N GLY B 37 19.95 27.69 27.20
CA GLY B 37 19.15 27.62 28.40
C GLY B 37 17.80 28.28 28.14
N MET B 38 17.32 28.21 26.90
CA MET B 38 15.98 28.71 26.59
C MET B 38 14.93 27.61 26.69
N GLN B 39 13.71 27.98 27.05
CA GLN B 39 12.63 27.03 26.97
C GLN B 39 11.88 27.31 25.69
N ALA B 40 11.52 26.25 24.98
CA ALA B 40 10.90 26.40 23.68
C ALA B 40 9.68 25.50 23.50
N LEU B 41 8.82 25.88 22.55
CA LEU B 41 7.64 25.11 22.21
C LEU B 41 7.72 24.53 20.80
N LEU B 42 7.67 23.21 20.73
CA LEU B 42 7.75 22.51 19.46
C LEU B 42 6.36 22.03 19.03
N PHE B 43 5.93 22.44 17.84
CA PHE B 43 4.63 22.01 17.33
C PHE B 43 4.77 20.74 16.51
N LYS B 44 4.45 19.59 17.10
CA LYS B 44 4.67 18.31 16.43
C LYS B 44 3.70 18.12 15.27
N LYS B 45 2.46 18.55 15.47
CA LYS B 45 1.45 18.51 14.42
C LYS B 45 1.03 19.94 14.13
N PRO B 46 0.42 20.19 12.97
CA PRO B 46 0.07 21.58 12.64
C PRO B 46 -1.06 22.11 13.51
N LEU B 47 -1.25 23.42 13.51
CA LEU B 47 -2.29 24.03 14.34
C LEU B 47 -2.61 25.44 13.84
N GLY B 48 -3.85 25.64 13.43
CA GLY B 48 -4.27 26.90 12.83
C GLY B 48 -3.41 27.19 11.61
N ASP B 49 -2.71 28.32 11.63
CA ASP B 49 -1.78 28.65 10.56
C ASP B 49 -0.38 28.10 10.83
N LEU B 50 -0.16 27.53 12.00
CA LEU B 50 1.17 27.01 12.30
C LEU B 50 1.42 25.71 11.59
N GLU B 51 2.65 25.56 11.09
CA GLU B 51 3.07 24.35 10.39
C GLU B 51 3.74 23.37 11.33
N ALA B 52 3.76 22.09 10.95
CA ALA B 52 4.50 21.09 11.72
C ALA B 52 5.99 21.44 11.78
N GLY B 53 6.57 21.27 12.96
CA GLY B 53 7.99 21.55 13.15
C GLY B 53 8.22 23.01 13.48
N THR B 54 7.16 23.75 13.75
CA THR B 54 7.27 25.13 14.18
C THR B 54 7.82 25.15 15.60
N VAL B 55 8.84 25.97 15.84
CA VAL B 55 9.39 26.11 17.17
C VAL B 55 9.25 27.53 17.66
N ILE B 56 8.76 27.71 18.88
CA ILE B 56 8.73 29.04 19.48
C ILE B 56 9.78 29.16 20.59
N TYR B 57 10.73 30.05 20.37
CA TYR B 57 11.77 30.28 21.36
C TYR B 57 11.35 31.39 22.31
N LEU B 58 11.47 31.12 23.60
CA LEU B 58 11.13 32.11 24.62
C LEU B 58 12.41 32.70 25.20
N GLY B 59 12.83 33.82 24.64
CA GLY B 59 14.00 34.52 25.13
C GLY B 59 13.73 35.96 25.52
N ASP B 60 14.74 36.80 25.38
CA ASP B 60 14.56 38.24 25.58
C ASP B 60 13.50 38.70 24.59
N GLU B 61 13.55 38.11 23.40
CA GLU B 61 12.45 38.25 22.44
C GLU B 61 11.74 36.91 22.30
N THR B 62 10.45 36.96 21.98
CA THR B 62 9.71 35.76 21.63
C THR B 62 9.74 35.57 20.11
N GLU B 63 10.49 34.57 19.67
CA GLU B 63 10.64 34.29 18.26
C GLU B 63 9.97 32.99 17.85
N VAL B 64 9.13 33.06 16.84
CA VAL B 64 8.48 31.89 16.31
C VAL B 64 9.19 31.45 15.04
N ILE B 65 10.10 30.50 15.17
CA ILE B 65 10.69 29.88 13.99
C ILE B 65 9.62 28.93 13.39
N ARG B 66 8.91 29.42 12.39
CA ARG B 66 7.86 28.66 11.73
C ARG B 66 8.43 27.41 11.08
N GLY B 67 7.57 26.39 10.98
CA GLY B 67 7.91 25.18 10.27
C GLY B 67 7.86 25.39 8.78
N PHE B 68 8.62 24.60 8.03
CA PHE B 68 8.62 24.70 6.60
C PHE B 68 7.36 24.05 6.03
N PRO B 69 6.60 24.80 5.23
CA PRO B 69 5.32 24.39 4.68
C PRO B 69 5.42 23.15 3.80
N LYS B 70 4.40 22.30 3.84
CA LYS B 70 4.30 21.14 2.97
C LYS B 70 4.10 21.61 1.54
N ILE B 71 4.84 21.03 0.62
CA ILE B 71 4.74 21.42 -0.78
C ILE B 71 3.88 20.44 -1.54
N ARG B 72 2.87 20.93 -2.25
CA ARG B 72 1.97 20.09 -3.00
C ARG B 72 2.71 19.45 -4.18
N ARG B 73 2.18 18.32 -4.64
CA ARG B 73 2.79 17.55 -5.73
C ARG B 73 1.81 17.36 -6.87
N THR B 74 2.34 17.38 -8.08
CA THR B 74 1.54 17.07 -9.24
C THR B 74 2.10 15.82 -9.88
N LEU B 75 1.25 15.04 -10.53
CA LEU B 75 1.70 13.85 -11.23
C LEU B 75 1.85 14.18 -12.69
N LEU B 76 1.35 15.34 -13.06
CA LEU B 76 1.39 15.79 -14.43
C LEU B 76 1.93 17.20 -14.52
N LEU B 77 2.59 17.49 -15.64
CA LEU B 77 3.05 18.84 -15.97
C LEU B 77 1.94 19.57 -16.67
N SER B 78 1.19 18.85 -17.50
CA SER B 78 0.13 19.47 -18.26
C SER B 78 -1.23 18.76 -18.07
N PRO B 79 -2.29 19.54 -17.86
CA PRO B 79 -2.34 21.00 -17.84
C PRO B 79 -2.18 21.56 -16.46
N THR B 80 -1.65 20.77 -15.53
CA THR B 80 -1.73 21.10 -14.12
C THR B 80 -1.00 22.39 -13.80
N ILE B 81 0.18 22.57 -14.39
CA ILE B 81 0.93 23.80 -14.19
C ILE B 81 0.06 25.02 -14.51
N GLN B 82 -0.60 24.99 -15.66
CA GLN B 82 -1.30 26.19 -16.06
C GLN B 82 -2.70 26.31 -15.46
N GLU B 83 -3.12 25.31 -14.71
CA GLU B 83 -4.33 25.43 -13.90
C GLU B 83 -4.03 26.04 -12.54
N HIS B 84 -2.76 25.95 -12.15
CA HIS B 84 -2.34 26.29 -10.80
C HIS B 84 -1.58 27.62 -10.74
N PHE B 85 -0.70 27.83 -11.71
CA PHE B 85 0.16 29.00 -11.70
C PHE B 85 -0.44 30.16 -12.48
N ARG B 86 0.25 31.30 -12.48
CA ARG B 86 -0.18 32.44 -13.28
C ARG B 86 0.98 33.24 -13.79
N ASP B 87 0.85 33.71 -15.02
CA ASP B 87 1.84 34.56 -15.65
C ASP B 87 3.11 33.76 -15.91
N ARG B 88 3.88 33.48 -14.85
CA ARG B 88 5.18 32.83 -15.01
C ARG B 88 5.43 31.73 -13.98
N VAL B 89 6.39 30.87 -14.29
CA VAL B 89 6.72 29.73 -13.45
C VAL B 89 8.23 29.56 -13.25
N ALA B 90 8.71 29.71 -12.03
CA ALA B 90 10.12 29.57 -11.78
C ALA B 90 10.42 28.11 -11.40
N VAL B 91 11.46 27.53 -12.00
CA VAL B 91 11.76 26.11 -11.86
C VAL B 91 13.15 25.80 -11.30
N GLU B 92 13.21 25.37 -10.04
CA GLU B 92 14.46 25.05 -9.33
C GLU B 92 14.68 23.54 -9.19
N GLU B 93 15.92 23.12 -9.03
CA GLU B 93 16.20 21.70 -8.79
C GLU B 93 15.63 21.26 -7.45
O APK B 94 16.18 17.70 -6.39
C APK B 94 15.81 18.67 -5.71
CA APK B 94 14.64 19.53 -6.16
N APK B 94 15.01 20.14 -7.42
CB APK B 94 13.34 18.69 -6.29
CG APK B 94 12.85 18.08 -4.99
CD APK B 94 11.43 17.50 -5.11
CE APK B 94 10.68 17.54 -3.75
NZ APK B 94 11.16 16.53 -2.72
P APK B 94 10.03 16.38 -1.09
O1P APK B 94 9.04 15.24 -1.20
O2P APK B 94 11.15 15.95 0.00
O5' APK B 94 9.17 17.65 -0.54
C5' APK B 94 9.54 18.98 -0.36
C4' APK B 94 10.91 19.05 0.27
O4' APK B 94 11.93 19.17 -0.75
C3' APK B 94 11.06 20.30 1.11
O3' APK B 94 10.58 20.05 2.42
C2' APK B 94 12.56 20.56 1.01
O2' APK B 94 13.17 19.95 2.12
C1' APK B 94 13.07 19.82 -0.23
N9 APK B 94 13.60 20.65 -1.36
C8 APK B 94 14.64 20.28 -2.18
N7 APK B 94 14.86 21.24 -3.12
C5 APK B 94 13.94 22.25 -2.96
C4 APK B 94 13.10 21.84 -1.77
N3 APK B 94 12.09 22.67 -1.37
C2 APK B 94 11.85 23.86 -1.97
N1 APK B 94 12.56 24.30 -3.07
C6 APK B 94 13.57 23.56 -3.62
N6 APK B 94 14.22 24.08 -4.69
N MET B 95 16.36 19.06 -4.51
CA MET B 95 17.56 18.38 -4.00
C MET B 95 17.19 17.33 -2.96
N ASN B 96 17.70 16.11 -3.14
CA ASN B 96 17.38 15.02 -2.24
C ASN B 96 18.32 14.91 -1.06
N GLY B 97 17.97 15.59 0.02
CA GLY B 97 18.69 15.46 1.27
C GLY B 97 17.72 15.60 2.43
N TYR B 98 18.06 16.44 3.40
CA TYR B 98 17.09 16.76 4.43
C TYR B 98 16.93 18.26 4.60
N ASN B 99 15.74 18.61 5.05
CA ASN B 99 15.30 19.97 5.27
C ASN B 99 16.02 20.62 6.45
N VAL B 100 16.51 21.84 6.27
CA VAL B 100 17.13 22.54 7.39
C VAL B 100 16.66 23.99 7.46
N ARG B 101 16.28 24.42 8.66
CA ARG B 101 16.00 25.82 8.90
C ARG B 101 17.11 26.39 9.80
N ILE B 102 17.90 27.30 9.24
CA ILE B 102 18.94 27.99 9.99
C ILE B 102 18.43 29.35 10.40
N ALA B 103 18.58 29.68 11.68
CA ALA B 103 18.21 31.01 12.15
C ALA B 103 19.16 31.46 13.25
N CYS B 104 19.31 32.77 13.34
CA CYS B 104 20.05 33.39 14.41
C CYS B 104 19.07 33.92 15.45
N LEU B 105 18.88 33.16 16.52
CA LEU B 105 17.96 33.54 17.58
C LEU B 105 18.38 34.85 18.23
N SER B 106 17.41 35.49 18.89
CA SER B 106 17.62 36.77 19.56
C SER B 106 18.76 36.72 20.59
N SER B 107 19.13 35.51 21.01
CA SER B 107 20.23 35.34 21.95
C SER B 107 21.58 35.17 21.26
N GLY B 108 21.64 35.55 19.97
CA GLY B 108 22.88 35.48 19.21
C GLY B 108 23.30 34.10 18.73
N GLU B 109 22.70 33.07 19.30
CA GLU B 109 23.05 31.70 18.98
C GLU B 109 22.42 31.26 17.65
N THR B 110 23.23 30.71 16.74
CA THR B 110 22.72 30.24 15.46
C THR B 110 22.32 28.77 15.59
N VAL B 111 21.16 28.43 15.05
CA VAL B 111 20.56 27.12 15.28
C VAL B 111 20.07 26.52 13.94
N ALA B 112 20.52 25.30 13.64
CA ALA B 112 19.98 24.59 12.48
C ALA B 112 18.80 23.69 12.92
N LEU B 113 17.61 23.93 12.39
CA LEU B 113 16.47 23.06 12.69
C LEU B 113 16.15 22.08 11.56
N THR B 114 16.06 20.78 11.92
CA THR B 114 15.55 19.73 11.03
C THR B 114 14.04 19.84 10.91
N ARG B 115 13.41 19.04 10.03
CA ARG B 115 12.02 19.30 9.67
C ARG B 115 11.10 19.32 10.90
N GLY B 116 11.35 18.42 11.84
CA GLY B 116 10.52 18.35 13.04
C GLY B 116 10.77 19.47 14.03
N GLY B 117 11.67 20.37 13.68
CA GLY B 117 11.93 21.53 14.51
C GLY B 117 12.92 21.25 15.61
N HIS B 118 13.64 20.12 15.50
CA HIS B 118 14.70 19.82 16.47
C HIS B 118 16.05 20.40 16.03
N VAL B 119 16.81 20.90 16.99
CA VAL B 119 18.16 21.36 16.69
C VAL B 119 19.08 20.15 16.52
N CYS B 120 19.66 20.00 15.33
CA CYS B 120 20.60 18.91 15.09
C CYS B 120 21.97 19.40 15.50
N PRO B 121 22.65 18.67 16.40
CA PRO B 121 23.97 19.16 16.81
C PRO B 121 24.95 19.03 15.67
N PHE B 122 24.71 18.09 14.77
CA PHE B 122 25.56 17.90 13.62
C PHE B 122 25.33 18.99 12.60
N THR B 123 24.07 19.16 12.22
CA THR B 123 23.69 20.10 11.21
C THR B 123 24.04 21.53 11.60
N THR B 124 23.85 21.87 12.86
CA THR B 124 24.24 23.20 13.35
C THR B 124 25.76 23.42 13.24
N ARG B 125 26.54 22.38 13.53
CA ARG B 125 27.99 22.48 13.37
C ARG B 125 28.39 22.47 11.89
N LYS B 126 27.69 21.67 11.09
CA LYS B 126 28.04 21.53 9.68
C LYS B 126 27.65 22.74 8.85
N ALA B 127 26.52 23.33 9.19
CA ALA B 127 26.07 24.53 8.50
C ALA B 127 26.99 25.72 8.78
N GLN B 128 27.63 25.74 9.93
CA GLN B 128 28.45 26.89 10.28
C GLN B 128 29.85 26.76 9.70
N GLU B 129 30.36 25.54 9.60
CA GLU B 129 31.58 25.28 8.84
C GLU B 129 31.35 25.55 7.36
N LEU B 130 30.33 24.92 6.78
CA LEU B 130 30.06 25.01 5.35
C LEU B 130 29.69 26.41 4.91
N LEU B 131 28.80 27.07 5.62
CA LEU B 131 28.39 28.42 5.25
C LEU B 131 29.09 29.44 6.13
N ASP B 132 29.17 30.66 5.61
CA ASP B 132 29.66 31.79 6.38
C ASP B 132 28.43 32.67 6.56
N LEU B 133 27.90 32.69 7.78
CA LEU B 133 26.56 33.22 8.02
C LEU B 133 26.53 34.50 8.84
N SER B 134 27.67 34.84 9.41
CA SER B 134 27.81 35.94 10.37
C SER B 134 27.38 37.31 9.82
N GLU B 135 27.87 37.67 8.63
CA GLU B 135 27.54 38.95 8.01
C GLU B 135 26.12 38.98 7.50
N PHE B 136 25.59 37.82 7.11
CA PHE B 136 24.20 37.76 6.67
C PHE B 136 23.22 37.99 7.82
N PHE B 137 23.37 37.19 8.88
CA PHE B 137 22.51 37.32 10.05
C PHE B 137 22.69 38.65 10.78
N ARG B 138 23.89 39.23 10.71
CA ARG B 138 24.12 40.55 11.26
C ARG B 138 23.17 41.53 10.60
N GLU B 139 23.07 41.46 9.29
CA GLU B 139 22.15 42.31 8.54
C GLU B 139 20.68 41.85 8.52
N HIS B 140 20.44 40.54 8.69
CA HIS B 140 19.10 39.96 8.58
C HIS B 140 18.76 38.92 9.68
N PRO B 141 18.86 39.31 10.96
CA PRO B 141 18.68 38.34 12.05
C PRO B 141 17.30 37.68 12.04
N ASP B 142 16.34 38.34 11.41
CA ASP B 142 14.96 37.90 11.44
C ASP B 142 14.60 37.10 10.21
N LEU B 143 15.62 36.70 9.45
CA LEU B 143 15.44 35.89 8.24
C LEU B 143 15.90 34.43 8.44
N VAL B 144 14.99 33.51 8.18
CA VAL B 144 15.30 32.10 8.33
C VAL B 144 15.77 31.48 7.01
N ILE B 145 17.00 31.00 6.98
CA ILE B 145 17.52 30.33 5.81
C ILE B 145 16.96 28.92 5.75
N CYS B 146 16.35 28.59 4.61
CA CYS B 146 15.76 27.29 4.40
C CYS B 146 16.44 26.62 3.23
N GLY B 147 17.02 25.45 3.47
CA GLY B 147 17.66 24.70 2.39
C GLY B 147 17.83 23.20 2.66
N GLU B 148 18.36 22.50 1.66
CA GLU B 148 18.63 21.09 1.76
C GLU B 148 20.10 20.83 2.08
N MET B 149 20.38 19.98 3.06
CA MET B 149 21.73 19.44 3.22
C MET B 149 21.83 18.15 2.36
N ILE B 150 22.78 18.13 1.43
CA ILE B 150 22.87 17.08 0.42
C ILE B 150 24.28 16.47 0.37
N GLY B 151 24.42 15.33 -0.32
CA GLY B 151 25.73 14.70 -0.47
C GLY B 151 25.78 13.23 -0.06
N ARG B 152 26.82 12.54 -0.48
CA ARG B 152 26.91 11.11 -0.22
C ARG B 152 27.20 10.80 1.24
N ASP B 153 28.07 11.57 1.89
CA ASP B 153 28.33 11.34 3.30
C ASP B 153 27.35 12.10 4.19
N ASN B 154 26.04 11.81 4.05
CA ASN B 154 24.93 12.48 4.73
C ASN B 154 24.37 11.65 5.90
N PRO B 155 24.05 12.29 7.05
CA PRO B 155 23.55 11.56 8.21
C PRO B 155 22.09 11.11 8.17
N TYR B 156 21.30 11.52 7.18
CA TYR B 156 19.85 11.33 7.23
C TYR B 156 19.31 10.66 5.97
N VAL B 157 19.47 11.32 4.84
CA VAL B 157 19.22 10.66 3.57
C VAL B 157 20.41 10.98 2.69
N SER B 158 20.91 9.97 1.99
CA SER B 158 22.22 10.05 1.39
C SER B 158 22.18 9.84 -0.13
N GLN B 159 22.63 10.84 -0.88
CA GLN B 159 22.76 10.72 -2.34
C GLN B 159 23.97 11.52 -2.81
N ASP B 160 24.75 10.96 -3.74
CA ASP B 160 25.95 11.65 -4.15
C ASP B 160 25.63 12.83 -5.05
N TYR B 161 26.07 13.99 -4.62
CA TYR B 161 26.02 15.19 -5.44
C TYR B 161 27.46 15.66 -5.60
N PRO B 162 28.02 15.49 -6.79
CA PRO B 162 29.41 15.88 -7.03
C PRO B 162 29.69 17.34 -6.69
N GLU B 163 28.79 18.24 -7.07
CA GLU B 163 28.94 19.69 -6.83
C GLU B 163 29.24 20.06 -5.36
N VAL B 164 28.99 19.15 -4.42
CA VAL B 164 29.22 19.44 -3.01
C VAL B 164 30.20 18.45 -2.39
N GLY B 165 30.86 17.67 -3.22
CA GLY B 165 31.75 16.65 -2.70
C GLY B 165 31.02 15.68 -1.79
N PRO B 166 31.56 15.46 -0.59
CA PRO B 166 30.99 14.52 0.38
C PRO B 166 29.70 15.05 1.01
N LEU B 167 29.54 16.37 1.04
CA LEU B 167 28.44 17.00 1.77
C LEU B 167 28.44 18.52 1.62
N GLY B 168 27.32 19.08 1.17
CA GLY B 168 27.15 20.52 1.07
C GLY B 168 25.72 20.98 1.36
N PHE B 169 25.49 22.28 1.25
CA PHE B 169 24.17 22.87 1.51
C PHE B 169 23.71 23.66 0.31
N ARG B 170 22.40 23.77 0.11
CA ARG B 170 21.84 24.59 -0.96
C ARG B 170 20.54 25.27 -0.48
N VAL B 171 20.53 26.60 -0.43
CA VAL B 171 19.36 27.35 0.00
C VAL B 171 18.28 27.36 -1.07
N PHE B 172 17.02 27.12 -0.70
CA PHE B 172 15.92 27.21 -1.65
C PHE B 172 14.83 28.18 -1.22
N ASP B 173 15.06 28.96 -0.16
CA ASP B 173 14.02 29.81 0.41
C ASP B 173 14.58 30.76 1.48
N LEU B 174 14.01 31.96 1.60
CA LEU B 174 14.27 32.82 2.74
C LEU B 174 12.94 33.20 3.41
N ARG B 175 12.79 32.93 4.69
CA ARG B 175 11.48 33.18 5.31
C ARG B 175 11.58 33.96 6.60
N GLU B 176 10.72 34.99 6.70
CA GLU B 176 10.63 35.81 7.90
C GLU B 176 10.26 34.98 9.11
N LYS B 177 10.90 35.25 10.25
CA LYS B 177 10.46 34.70 11.52
C LYS B 177 9.01 35.09 11.76
N ASN B 178 8.30 34.27 12.54
CA ASN B 178 6.91 34.52 12.92
C ASN B 178 5.90 34.40 11.76
N THR B 179 6.06 35.23 10.73
CA THR B 179 5.06 35.26 9.66
C THR B 179 5.27 34.15 8.63
N ASN B 180 6.52 33.66 8.55
CA ASN B 180 6.91 32.61 7.62
C ASN B 180 6.84 33.06 6.17
N ARG B 181 6.69 34.38 5.97
CA ARG B 181 6.59 34.93 4.61
C ARG B 181 7.90 34.78 3.85
N PRO B 182 7.81 34.28 2.61
CA PRO B 182 8.95 33.99 1.75
C PRO B 182 9.33 35.15 0.83
N LEU B 183 10.61 35.48 0.73
CA LEU B 183 11.06 36.48 -0.23
C LEU B 183 10.83 35.96 -1.64
N PRO B 184 10.56 36.87 -2.59
CA PRO B 184 10.46 36.55 -4.01
C PRO B 184 11.70 35.84 -4.53
N VAL B 185 11.51 34.93 -5.48
CA VAL B 185 12.57 34.05 -5.94
C VAL B 185 13.84 34.77 -6.44
N GLU B 186 13.66 35.71 -7.35
CA GLU B 186 14.80 36.34 -8.00
C GLU B 186 15.50 37.31 -7.07
N GLU B 187 14.72 37.90 -6.17
CA GLU B 187 15.26 38.73 -5.09
C GLU B 187 16.05 37.88 -4.09
N ARG B 188 15.43 36.78 -3.64
CA ARG B 188 16.02 35.90 -2.65
C ARG B 188 17.36 35.40 -3.13
N ARG B 189 17.44 35.20 -4.45
CA ARG B 189 18.65 34.64 -5.04
C ARG B 189 19.74 35.70 -5.12
N ALA B 190 19.37 36.90 -5.57
CA ALA B 190 20.27 38.04 -5.65
C ALA B 190 20.82 38.35 -4.27
N LEU B 191 19.95 38.24 -3.28
CA LEU B 191 20.33 38.54 -1.91
C LEU B 191 21.37 37.54 -1.39
N LEU B 192 21.09 36.24 -1.58
CA LEU B 192 22.00 35.20 -1.13
C LEU B 192 23.32 35.20 -1.91
N ASP B 193 23.31 35.71 -3.15
CA ASP B 193 24.55 35.80 -3.92
C ASP B 193 25.44 36.90 -3.41
N SER B 194 24.84 38.07 -3.18
CA SER B 194 25.60 39.22 -2.70
C SER B 194 26.28 38.91 -1.36
N TYR B 195 25.74 37.97 -0.62
CA TYR B 195 26.32 37.57 0.66
C TYR B 195 27.10 36.28 0.54
N GLY B 196 27.27 35.79 -0.68
CA GLY B 196 28.07 34.60 -0.90
C GLY B 196 27.45 33.30 -0.42
N LEU B 197 26.12 33.22 -0.44
CA LEU B 197 25.42 32.04 0.02
C LEU B 197 24.87 31.26 -1.18
N PRO B 198 25.03 29.93 -1.14
CA PRO B 198 24.73 29.04 -2.26
C PRO B 198 23.23 28.89 -2.53
N ASN B 199 22.78 29.12 -3.76
CA ASN B 199 21.40 28.91 -4.19
C ASN B 199 21.18 27.54 -4.86
N VAL B 200 19.99 26.93 -4.70
CA VAL B 200 19.60 25.86 -5.60
C VAL B 200 19.62 26.36 -7.03
N ARG B 201 20.15 25.53 -7.91
CA ARG B 201 20.08 25.74 -9.34
C ARG B 201 18.69 26.18 -9.76
N LEU B 202 18.62 27.33 -10.41
CA LEU B 202 17.36 27.82 -10.97
C LEU B 202 17.48 27.71 -12.48
N PHE B 203 16.72 26.79 -13.06
CA PHE B 203 16.79 26.61 -14.49
C PHE B 203 16.23 27.82 -15.23
N GLY B 204 15.29 28.52 -14.62
CA GLY B 204 14.74 29.70 -15.26
C GLY B 204 13.30 30.03 -14.91
N VAL B 205 12.88 31.25 -15.28
CA VAL B 205 11.49 31.63 -15.13
C VAL B 205 10.84 31.65 -16.51
N TYR B 206 9.90 30.73 -16.74
CA TYR B 206 9.26 30.63 -18.05
C TYR B 206 7.84 31.12 -17.97
N PRO B 207 7.34 31.71 -19.08
CA PRO B 207 5.92 32.07 -19.14
C PRO B 207 5.11 30.81 -19.01
N ILE B 208 3.87 30.93 -18.56
CA ILE B 208 3.10 29.75 -18.14
C ILE B 208 2.75 28.82 -19.30
N GLU B 209 2.71 29.36 -20.50
CA GLU B 209 2.35 28.52 -21.65
C GLU B 209 3.51 27.66 -22.12
N GLU B 210 4.71 27.95 -21.66
CA GLU B 210 5.86 27.15 -22.06
C GLU B 210 6.41 26.38 -20.88
N ALA B 211 5.85 26.60 -19.70
CA ALA B 211 6.41 25.99 -18.50
C ALA B 211 6.49 24.46 -18.60
N ALA B 212 5.40 23.80 -19.00
CA ALA B 212 5.31 22.33 -18.91
C ALA B 212 6.28 21.60 -19.84
N SER B 213 6.53 22.17 -21.01
CA SER B 213 7.45 21.55 -21.95
C SER B 213 8.88 21.80 -21.53
N GLU B 214 9.09 22.88 -20.80
CA GLU B 214 10.42 23.22 -20.31
C GLU B 214 10.81 22.28 -19.18
N VAL B 215 9.93 22.19 -18.19
CA VAL B 215 10.05 21.24 -17.09
C VAL B 215 10.26 19.81 -17.62
N ALA B 216 9.46 19.39 -18.61
CA ALA B 216 9.64 18.09 -19.23
C ALA B 216 11.09 17.85 -19.68
N ASP B 217 11.68 18.86 -20.30
CA ASP B 217 13.06 18.77 -20.77
C ASP B 217 14.07 18.72 -19.63
N ILE B 218 13.81 19.48 -18.57
CA ILE B 218 14.65 19.47 -17.38
C ILE B 218 14.56 18.09 -16.71
N ILE B 219 13.34 17.59 -16.63
CA ILE B 219 13.07 16.29 -16.00
C ILE B 219 13.79 15.17 -16.74
N ARG B 220 13.77 15.23 -18.08
CA ARG B 220 14.46 14.21 -18.86
C ARG B 220 15.96 14.24 -18.55
N ALA B 221 16.56 15.43 -18.58
CA ALA B 221 17.95 15.59 -18.23
C ALA B 221 18.25 15.15 -16.78
N LEU B 222 17.41 15.57 -15.84
CA LEU B 222 17.61 15.22 -14.44
C LEU B 222 17.51 13.71 -14.19
N GLY B 223 16.57 13.06 -14.87
CA GLY B 223 16.44 11.61 -14.80
C GLY B 223 17.64 10.92 -15.42
N MET B 224 18.03 11.36 -16.61
CA MET B 224 19.20 10.83 -17.29
C MET B 224 20.48 11.06 -16.47
N ALA B 225 20.42 12.04 -15.57
CA ALA B 225 21.57 12.42 -14.74
C ALA B 225 21.45 11.91 -13.29
N GLY B 226 20.37 11.19 -13.01
CA GLY B 226 20.06 10.68 -11.68
C GLY B 226 19.70 11.70 -10.62
N ARG B 227 18.90 12.72 -10.97
CA ARG B 227 18.63 13.81 -10.03
C ARG B 227 17.15 13.80 -9.63
N GLU B 228 16.80 14.38 -8.48
CA GLU B 228 15.50 14.02 -7.89
C GLU B 228 14.28 14.57 -8.62
N GLY B 229 14.37 15.79 -9.12
CA GLY B 229 13.26 16.37 -9.87
C GLY B 229 13.26 17.89 -9.87
N VAL B 230 12.10 18.47 -9.58
CA VAL B 230 11.94 19.91 -9.76
C VAL B 230 10.93 20.47 -8.76
N VAL B 231 11.15 21.70 -8.30
CA VAL B 231 10.13 22.38 -7.51
C VAL B 231 9.73 23.67 -8.20
N MET B 232 8.45 23.74 -8.56
CA MET B 232 7.96 24.82 -9.39
C MET B 232 7.36 25.92 -8.53
N LYS B 233 7.74 27.16 -8.83
CA LYS B 233 7.45 28.30 -7.97
C LYS B 233 6.85 29.49 -8.72
N ASP B 234 5.87 30.15 -8.10
CA ASP B 234 5.43 31.43 -8.58
C ASP B 234 6.54 32.40 -8.20
N PRO B 235 6.98 33.24 -9.15
CA PRO B 235 8.11 34.13 -8.87
C PRO B 235 7.85 35.01 -7.66
N SER B 236 6.63 35.50 -7.53
CA SER B 236 6.26 36.36 -6.42
C SER B 236 5.90 35.57 -5.18
N MET B 237 5.87 34.24 -5.32
CA MET B 237 5.48 33.30 -4.25
C MET B 237 4.06 33.55 -3.75
N GLU B 238 3.18 33.97 -4.67
CA GLU B 238 1.80 34.33 -4.32
C GLU B 238 0.91 33.12 -4.45
N VAL B 239 1.40 32.13 -5.17
CA VAL B 239 0.73 30.84 -5.25
C VAL B 239 1.72 29.76 -4.78
N PRO B 240 1.25 28.81 -3.98
CA PRO B 240 2.15 27.82 -3.37
C PRO B 240 2.88 26.94 -4.40
N PRO B 241 4.04 26.40 -4.02
CA PRO B 241 4.83 25.57 -4.94
C PRO B 241 4.21 24.21 -5.27
N LEU B 242 4.63 23.66 -6.40
CA LEU B 242 4.32 22.28 -6.72
C LEU B 242 5.62 21.54 -6.90
N LYS B 243 5.77 20.42 -6.19
CA LYS B 243 6.92 19.55 -6.40
C LYS B 243 6.55 18.53 -7.45
N TYR B 244 7.53 18.08 -8.22
CA TYR B 244 7.32 17.05 -9.23
C TYR B 244 8.64 16.33 -9.47
N THR B 245 8.64 15.00 -9.32
CA THR B 245 9.85 14.20 -9.28
C THR B 245 10.04 13.26 -10.48
N SER B 246 11.29 12.91 -10.75
CA SER B 246 11.67 12.01 -11.85
C SER B 246 11.57 10.51 -11.52
N SER B 247 11.67 9.68 -12.55
CA SER B 247 11.50 8.24 -12.40
C SER B 247 12.64 7.56 -11.61
N GLN B 248 13.87 8.04 -11.75
CA GLN B 248 14.97 7.43 -11.01
C GLN B 248 14.91 7.85 -9.56
N ALA B 249 14.36 9.04 -9.34
CA ALA B 249 14.10 9.46 -7.97
C ALA B 249 13.22 8.39 -7.34
N HIS B 250 12.27 7.90 -8.13
CA HIS B 250 11.32 6.91 -7.67
C HIS B 250 11.97 5.52 -7.53
N ALA B 251 12.73 5.09 -8.53
CA ALA B 251 13.38 3.79 -8.42
C ALA B 251 14.23 3.81 -7.17
N ARG B 252 15.04 4.85 -7.03
CA ARG B 252 15.88 5.00 -5.86
C ARG B 252 15.06 4.93 -4.59
N GLU B 253 13.92 5.59 -4.62
CA GLU B 253 13.01 5.58 -3.48
C GLU B 253 12.39 4.21 -3.19
N LEU B 254 11.94 3.50 -4.23
CA LEU B 254 11.33 2.18 -4.04
C LEU B 254 12.37 1.09 -3.73
N ALA B 255 13.59 1.22 -4.26
CA ALA B 255 14.68 0.30 -3.89
C ALA B 255 14.98 0.36 -2.40
N TYR B 256 15.23 1.55 -1.88
CA TYR B 256 15.49 1.73 -0.45
C TYR B 256 14.33 1.21 0.37
N ALA B 257 13.12 1.60 -0.04
CA ALA B 257 11.87 1.09 0.52
C ALA B 257 11.82 -0.44 0.73
N PHE B 258 12.19 -1.22 -0.27
CA PHE B 258 12.01 -2.66 -0.19
C PHE B 258 13.22 -3.38 0.38
N SER B 259 14.26 -2.63 0.71
CA SER B 259 15.35 -3.15 1.55
C SER B 259 14.84 -3.23 2.99
N TYR B 260 13.84 -2.41 3.30
CA TYR B 260 13.20 -2.46 4.61
C TYR B 260 11.68 -2.41 4.48
N PRO B 261 11.09 -3.44 3.85
CA PRO B 261 9.68 -3.44 3.44
C PRO B 261 8.67 -3.23 4.59
N PHE B 262 8.88 -3.86 5.73
CA PHE B 262 7.91 -3.78 6.82
C PHE B 262 8.12 -2.56 7.72
N ASP B 263 9.02 -1.66 7.34
CA ASP B 263 9.26 -0.45 8.13
C ASP B 263 8.66 0.78 7.48
N PHE B 264 8.33 0.69 6.18
CA PHE B 264 7.78 1.83 5.48
C PHE B 264 6.43 1.55 4.81
N GLY B 265 5.40 2.28 5.26
CA GLY B 265 4.15 2.38 4.53
C GLY B 265 2.82 1.91 5.14
N ARG B 266 2.18 0.86 4.59
CA ARG B 266 2.72 0.00 3.53
C ARG B 266 3.14 0.75 2.23
N PRO B 267 2.38 1.78 1.81
CA PRO B 267 2.92 2.68 0.78
C PRO B 267 3.63 3.93 1.37
N PHE B 268 4.83 4.34 0.96
CA PHE B 268 5.80 3.71 0.05
C PHE B 268 5.47 2.46 -0.77
N PHE B 269 4.88 2.69 -1.94
CA PHE B 269 4.71 1.70 -3.03
C PHE B 269 3.61 2.19 -3.92
N PHE B 270 2.41 2.29 -3.38
CA PHE B 270 1.30 2.71 -4.21
C PHE B 270 1.47 4.17 -4.60
N SER B 271 1.92 4.96 -3.63
CA SER B 271 2.17 6.38 -3.83
C SER B 271 3.15 6.62 -4.98
N ARG B 272 4.28 5.91 -4.95
CA ARG B 272 5.37 6.18 -5.88
C ARG B 272 5.07 5.62 -7.25
N VAL B 273 4.46 4.43 -7.24
CA VAL B 273 4.12 3.67 -8.44
C VAL B 273 3.08 4.42 -9.28
N ILE B 274 2.23 5.15 -8.59
CA ILE B 274 1.17 5.87 -9.27
C ILE B 274 1.76 7.04 -10.04
N ARG B 275 2.88 7.58 -9.57
CA ARG B 275 3.59 8.62 -10.30
C ARG B 275 4.07 8.06 -11.64
N GLU B 276 4.64 6.86 -11.60
CA GLU B 276 5.18 6.21 -12.80
C GLU B 276 4.13 6.04 -13.88
N GLY B 277 2.89 5.79 -13.47
CA GLY B 277 1.80 5.66 -14.41
C GLY B 277 1.60 6.92 -15.23
N PHE B 278 1.27 8.01 -14.56
CA PHE B 278 1.01 9.28 -15.24
C PHE B 278 2.22 9.80 -16.00
N GLN B 279 3.41 9.54 -15.47
CA GLN B 279 4.63 10.01 -16.10
C GLN B 279 4.95 9.21 -17.34
N ALA B 280 4.68 7.90 -17.31
CA ALA B 280 4.72 7.11 -18.53
C ALA B 280 3.79 7.74 -19.56
N TYR B 281 2.58 8.05 -19.11
CA TYR B 281 1.55 8.66 -19.93
C TYR B 281 2.03 9.96 -20.59
N GLU B 282 2.42 10.93 -19.77
CA GLU B 282 2.83 12.24 -20.28
C GLU B 282 4.21 12.25 -20.94
N LEU B 283 5.20 11.56 -20.38
CA LEU B 283 6.58 11.76 -20.82
C LEU B 283 7.21 10.69 -21.73
N ASP B 284 6.77 9.44 -21.62
CA ASP B 284 7.40 8.39 -22.43
C ASP B 284 7.00 8.56 -23.88
N GLU B 285 7.97 8.62 -24.76
CA GLU B 285 7.65 8.92 -26.15
C GLU B 285 7.74 7.70 -27.04
N SER B 286 8.52 6.72 -26.62
CA SER B 286 8.49 5.42 -27.27
C SER B 286 8.14 4.31 -26.26
N ASP B 287 7.62 3.20 -26.77
CA ASP B 287 7.32 2.07 -25.89
C ASP B 287 8.62 1.46 -25.36
N ASP B 288 9.72 1.72 -26.06
CA ASP B 288 11.02 1.34 -25.52
C ASP B 288 11.23 2.04 -24.19
N GLU B 289 10.97 3.33 -24.16
CA GLU B 289 11.14 4.08 -22.93
C GLU B 289 10.23 3.50 -21.84
N THR B 290 8.97 3.22 -22.18
CA THR B 290 8.03 2.63 -21.23
C THR B 290 8.45 1.24 -20.80
N ARG B 291 9.08 0.50 -21.71
CA ARG B 291 9.54 -0.83 -21.37
C ARG B 291 10.66 -0.72 -20.35
N GLU B 292 11.59 0.20 -20.61
CA GLU B 292 12.71 0.42 -19.72
C GLU B 292 12.22 0.91 -18.37
N ARG B 293 11.13 1.66 -18.39
CA ARG B 293 10.54 2.17 -17.17
C ARG B 293 10.00 1.03 -16.33
N ALA B 294 9.32 0.07 -16.98
CA ALA B 294 8.74 -1.08 -16.29
C ALA B 294 9.80 -1.98 -15.66
N ARG B 295 10.83 -2.28 -16.43
CA ARG B 295 11.92 -3.12 -15.95
C ARG B 295 12.64 -2.46 -14.78
N ARG B 296 12.96 -1.18 -14.95
CA ARG B 296 13.60 -0.37 -13.91
C ARG B 296 12.77 -0.43 -12.62
N LEU B 297 11.46 -0.36 -12.74
CA LEU B 297 10.57 -0.41 -11.60
C LEU B 297 10.55 -1.79 -10.94
N GLY B 298 10.54 -2.83 -11.76
CA GLY B 298 10.54 -4.19 -11.25
C GLY B 298 11.77 -4.52 -10.43
N GLU B 299 12.93 -4.26 -11.01
CA GLU B 299 14.20 -4.60 -10.37
C GLU B 299 14.38 -3.85 -9.06
N ALA B 300 13.88 -2.62 -9.00
CA ALA B 300 13.93 -1.79 -7.80
C ALA B 300 13.09 -2.37 -6.68
N ILE B 301 12.22 -3.29 -7.03
CA ILE B 301 11.31 -3.91 -6.07
C ILE B 301 11.80 -5.28 -5.62
N ILE B 302 12.04 -6.17 -6.57
CA ILE B 302 12.43 -7.55 -6.23
C ILE B 302 13.82 -7.61 -5.60
N TYR B 303 14.81 -7.03 -6.28
CA TYR B 303 16.21 -7.15 -5.88
C TYR B 303 16.52 -6.68 -4.45
N PRO B 304 16.14 -5.44 -4.08
CA PRO B 304 16.34 -5.06 -2.68
C PRO B 304 15.62 -5.98 -1.70
N MET B 305 14.42 -6.40 -2.07
CA MET B 305 13.63 -7.28 -1.22
C MET B 305 14.30 -8.65 -1.08
N LEU B 306 14.85 -9.14 -2.19
CA LEU B 306 15.52 -10.42 -2.28
C LEU B 306 16.79 -10.46 -1.43
N GLU B 307 17.65 -9.47 -1.63
CA GLU B 307 18.90 -9.39 -0.90
C GLU B 307 18.64 -9.28 0.59
N ARG B 308 17.60 -8.53 0.95
CA ARG B 308 17.29 -8.32 2.36
C ARG B 308 16.92 -9.63 3.04
N ILE B 309 16.13 -10.46 2.36
CA ILE B 309 15.75 -11.79 2.87
C ILE B 309 16.96 -12.70 2.96
N LYS B 310 17.76 -12.79 1.89
CA LYS B 310 19.06 -13.45 1.98
C LYS B 310 19.90 -12.92 3.15
N SER B 311 19.94 -11.61 3.32
CA SER B 311 20.77 -11.02 4.37
C SER B 311 20.32 -11.49 5.75
N ILE B 312 19.00 -11.58 5.93
CA ILE B 312 18.43 -11.99 7.21
C ILE B 312 18.43 -13.51 7.36
N SER B 313 18.29 -14.23 6.26
CA SER B 313 18.40 -15.68 6.32
C SER B 313 19.78 -16.09 6.79
N ALA B 314 20.79 -15.27 6.48
CA ALA B 314 22.18 -15.59 6.82
C ALA B 314 22.55 -15.08 8.20
N GLY B 315 21.58 -14.49 8.90
CA GLY B 315 21.80 -14.11 10.28
C GLY B 315 22.00 -12.64 10.55
N GLU B 316 22.06 -11.81 9.50
CA GLU B 316 22.22 -10.38 9.71
C GLU B 316 20.92 -9.68 10.03
N ALA B 317 21.02 -8.67 10.89
CA ALA B 317 19.90 -7.78 11.15
C ALA B 317 19.76 -6.80 9.97
N ALA B 318 18.58 -6.21 9.82
CA ALA B 318 18.39 -5.24 8.76
C ALA B 318 18.97 -3.91 9.23
N TYR B 319 20.09 -3.51 8.67
CA TYR B 319 20.58 -2.19 9.01
C TYR B 319 20.99 -1.30 7.86
N GLU B 320 21.19 -0.05 8.22
CA GLU B 320 21.59 0.99 7.33
C GLU B 320 22.83 1.70 7.89
N ASP B 321 23.93 1.64 7.17
CA ASP B 321 25.11 2.34 7.59
C ASP B 321 25.21 3.62 6.80
N THR B 322 25.75 4.65 7.41
CA THR B 322 26.12 5.84 6.68
C THR B 322 27.32 6.46 7.39
N VAL B 323 28.28 6.94 6.58
CA VAL B 323 29.51 7.49 7.10
C VAL B 323 29.44 8.99 7.01
N ILE B 324 29.77 9.66 8.11
CA ILE B 324 29.76 11.11 8.11
C ILE B 324 31.11 11.64 8.58
N ASP B 325 31.42 12.86 8.19
CA ASP B 325 32.59 13.57 8.70
C ASP B 325 32.24 14.27 10.00
N VAL B 326 32.90 13.88 11.08
CA VAL B 326 32.68 14.54 12.35
C VAL B 326 33.98 15.16 12.84
N GLU B 327 33.88 16.08 13.80
CA GLU B 327 35.06 16.78 14.34
C GLU B 327 35.95 15.82 15.10
N ASP B 328 35.37 15.23 16.13
CA ASP B 328 36.00 14.16 16.87
C ASP B 328 34.96 13.07 17.13
N ARG B 329 35.34 12.02 17.84
CA ARG B 329 34.43 10.93 18.18
C ARG B 329 33.43 11.38 19.23
N GLU B 330 33.83 12.37 20.02
CA GLU B 330 32.90 13.01 20.95
C GLU B 330 31.70 13.53 20.19
N ALA B 331 31.97 14.10 19.01
CA ALA B 331 30.92 14.58 18.12
C ALA B 331 30.04 13.45 17.63
N ALA B 332 30.66 12.34 17.26
CA ALA B 332 29.93 11.22 16.73
C ALA B 332 28.95 10.65 17.77
N GLU B 333 29.38 10.61 19.02
CA GLU B 333 28.55 9.99 20.04
C GLU B 333 27.45 10.94 20.52
N GLU B 334 27.68 12.25 20.42
CA GLU B 334 26.61 13.22 20.67
C GLU B 334 25.49 13.07 19.64
N PHE B 335 25.89 12.91 18.37
CA PHE B 335 24.91 12.77 17.30
C PHE B 335 24.04 11.53 17.48
N ILE B 336 24.64 10.45 17.98
CA ILE B 336 23.90 9.23 18.27
C ILE B 336 22.95 9.48 19.43
N ARG B 337 23.44 10.07 20.51
CA ARG B 337 22.61 10.41 21.67
C ARG B 337 21.42 11.24 21.21
N HIS B 338 21.66 12.04 20.18
CA HIS B 338 20.61 12.83 19.57
C HIS B 338 19.60 11.96 18.81
N LEU B 339 20.07 11.04 17.98
CA LEU B 339 19.14 10.23 17.20
C LEU B 339 18.28 9.40 18.15
N VAL B 340 18.91 8.79 19.15
CA VAL B 340 18.20 7.98 20.14
C VAL B 340 17.10 8.76 20.89
N ARG B 341 17.38 10.00 21.28
CA ARG B 341 16.37 10.77 22.01
C ARG B 341 15.23 11.22 21.10
N LEU B 342 15.35 10.90 19.81
CA LEU B 342 14.28 11.14 18.85
C LEU B 342 13.56 9.85 18.44
N GLY B 343 13.95 8.71 19.04
CA GLY B 343 13.28 7.44 18.80
C GLY B 343 13.99 6.48 17.85
N VAL B 344 15.15 6.90 17.36
CA VAL B 344 15.87 6.14 16.35
C VAL B 344 16.74 5.06 16.95
N SER B 345 16.65 3.85 16.43
CA SER B 345 17.49 2.77 16.92
C SER B 345 18.85 2.79 16.22
N ALA B 346 19.67 3.76 16.60
CA ALA B 346 20.97 3.95 15.97
C ALA B 346 22.09 3.61 16.92
N THR B 347 23.24 3.18 16.40
CA THR B 347 24.42 3.11 17.23
C THR B 347 25.63 3.57 16.44
N LEU B 348 26.73 3.81 17.14
CA LEU B 348 28.00 4.07 16.53
C LEU B 348 28.63 2.74 16.16
N ALA B 349 28.50 2.39 14.89
CA ALA B 349 29.07 1.16 14.37
C ALA B 349 30.60 1.19 14.36
N ASP B 350 31.17 2.34 14.03
CA ASP B 350 32.62 2.45 13.86
C ASP B 350 33.07 3.90 13.74
N TYR B 351 34.29 4.19 14.20
CA TYR B 351 34.86 5.53 14.12
C TYR B 351 36.35 5.51 13.79
N ARG B 352 36.71 5.95 12.58
CA ARG B 352 38.12 6.10 12.22
C ARG B 352 38.43 7.52 11.75
N ASP B 353 39.35 8.17 12.45
CA ASP B 353 39.95 9.42 11.99
C ASP B 353 38.92 10.44 11.52
N GLY B 354 38.00 10.80 12.41
CA GLY B 354 37.00 11.81 12.09
C GLY B 354 35.84 11.28 11.28
N ARG B 355 35.98 10.07 10.77
CA ARG B 355 34.88 9.40 10.07
C ARG B 355 34.14 8.53 11.07
N ALA B 356 32.82 8.51 10.94
CA ALA B 356 31.96 7.85 11.90
C ALA B 356 30.83 7.07 11.23
N THR B 357 30.95 5.74 11.18
CA THR B 357 29.89 4.92 10.61
C THR B 357 28.70 4.93 11.57
N ILE B 358 27.65 5.63 11.17
CA ILE B 358 26.39 5.66 11.89
C ILE B 358 25.49 4.53 11.41
N ARG B 359 25.14 3.58 12.30
CA ARG B 359 24.30 2.45 11.92
C ARG B 359 22.88 2.55 12.45
N ARG B 360 21.93 2.48 11.51
CA ARG B 360 20.51 2.50 11.80
C ARG B 360 19.95 1.09 11.77
N PHE B 361 19.21 0.70 12.80
CA PHE B 361 18.54 -0.59 12.80
C PHE B 361 17.06 -0.46 12.50
N TYR B 362 16.52 -1.47 11.82
CA TYR B 362 15.11 -1.52 11.45
C TYR B 362 14.51 -2.84 11.89
N GLN B 363 14.04 -2.88 13.14
CA GLN B 363 13.67 -4.15 13.73
C GLN B 363 12.32 -4.68 13.24
N SER B 364 11.49 -3.79 12.70
CA SER B 364 10.22 -4.22 12.13
C SER B 364 10.51 -5.21 11.00
N THR B 365 11.35 -4.79 10.07
CA THR B 365 11.78 -5.61 8.94
C THR B 365 12.50 -6.89 9.40
N THR B 366 13.46 -6.77 10.32
CA THR B 366 14.17 -7.94 10.85
C THR B 366 13.21 -8.98 11.49
N ASP B 367 12.33 -8.52 12.37
CA ASP B 367 11.41 -9.43 13.07
C ASP B 367 10.42 -10.10 12.11
N ARG B 368 9.63 -9.33 11.38
CA ARG B 368 8.67 -9.92 10.44
C ARG B 368 9.30 -10.85 9.37
N ILE B 369 10.50 -10.50 8.88
CA ILE B 369 11.17 -11.34 7.89
C ILE B 369 11.74 -12.59 8.53
N ASN B 370 12.13 -12.49 9.81
CA ASN B 370 12.56 -13.66 10.54
C ASN B 370 11.38 -14.56 10.93
N ASN B 371 10.24 -13.95 11.28
CA ASN B 371 9.05 -14.70 11.67
C ASN B 371 8.63 -15.66 10.58
N TYR B 372 8.78 -15.23 9.35
CA TYR B 372 8.42 -16.05 8.20
C TYR B 372 9.48 -17.10 7.88
N LEU B 373 10.74 -16.76 8.10
CA LEU B 373 11.83 -17.68 7.79
C LEU B 373 11.88 -18.80 8.82
N LYS B 374 11.31 -18.53 10.00
CA LYS B 374 11.14 -19.53 11.06
C LYS B 374 9.93 -20.42 10.79
N GLY B 375 9.09 -20.05 9.83
CA GLY B 375 7.95 -20.84 9.45
C GLY B 375 6.67 -20.23 9.96
N GLY B 376 6.75 -18.98 10.38
CA GLY B 376 5.60 -18.26 10.87
C GLY B 376 4.63 -17.99 9.75
N LEU B 377 3.34 -18.06 10.06
CA LEU B 377 2.28 -17.95 9.07
C LEU B 377 1.95 -16.49 8.74
N TYR B 378 1.60 -16.25 7.48
CA TYR B 378 1.40 -14.89 6.99
C TYR B 378 0.35 -14.12 7.80
PG ATP C . -9.82 -16.22 2.87
O1G ATP C . -8.88 -15.06 3.09
O2G ATP C . -9.20 -17.57 3.12
O3G ATP C . -11.15 -16.01 3.54
PB ATP C . -9.51 -15.35 0.10
O1B ATP C . -8.16 -14.80 0.56
O2B ATP C . -10.58 -14.42 -0.47
O3B ATP C . -10.18 -16.25 1.29
PA ATP C . -7.97 -16.69 -1.95
O1A ATP C . -6.75 -16.12 -1.28
O2A ATP C . -8.24 -16.31 -3.38
O3A ATP C . -9.31 -16.44 -1.07
O5' ATP C . -7.95 -18.29 -1.78
C5' ATP C . -8.60 -18.96 -0.70
C4' ATP C . -9.94 -19.38 -1.28
O4' ATP C . -9.69 -20.09 -2.48
C3' ATP C . -10.83 -20.27 -0.43
O3' ATP C . -11.60 -19.52 0.53
C2' ATP C . -11.68 -20.88 -1.52
O2' ATP C . -12.79 -20.01 -1.76
C1' ATP C . -10.83 -20.85 -2.80
N9 ATP C . -10.29 -22.18 -3.24
C8 ATP C . -10.02 -22.48 -4.53
N7 ATP C . -9.55 -23.75 -4.65
C5 ATP C . -9.53 -24.28 -3.41
C6 ATP C . -9.13 -25.57 -2.82
N6 ATP C . -8.67 -26.59 -3.59
N1 ATP C . -9.27 -25.72 -1.48
C2 ATP C . -9.73 -24.73 -0.71
N3 ATP C . -10.10 -23.52 -1.18
C4 ATP C . -10.02 -23.24 -2.49
S SO4 D . -4.88 -13.33 1.98
O1 SO4 D . -3.67 -13.61 2.76
O2 SO4 D . -4.99 -11.91 1.69
O3 SO4 D . -4.87 -14.04 0.70
O4 SO4 D . -6.02 -13.76 2.79
S SO4 E . -19.32 -15.87 25.34
O1 SO4 E . -17.88 -15.88 25.57
O2 SO4 E . -19.87 -14.56 25.63
O3 SO4 E . -19.59 -16.22 23.95
O4 SO4 E . -19.96 -16.82 26.23
S SO4 F . 4.36 13.58 -0.84
O1 SO4 F . 3.42 14.13 -1.82
O2 SO4 F . 4.45 14.52 0.27
O3 SO4 F . 5.65 13.34 -1.46
O4 SO4 F . 3.93 12.29 -0.31
S SO4 G . 6.33 17.88 2.14
O1 SO4 G . 6.32 19.03 1.23
O2 SO4 G . 5.83 18.31 3.43
O3 SO4 G . 5.44 16.88 1.59
O4 SO4 G . 7.69 17.34 2.25
S SO4 H . 24.43 7.31 -5.14
O1 SO4 H . 25.09 6.61 -4.04
O2 SO4 H . 24.40 8.74 -4.87
O3 SO4 H . 23.05 6.85 -5.24
O4 SO4 H . 25.10 7.05 -6.41
MG MG I . 13.80 16.32 -0.55
#